data_5K98
#
_entry.id   5K98
#
_cell.length_a   214.036
_cell.length_b   146.830
_cell.length_c   53.751
_cell.angle_alpha   90.00
_cell.angle_beta   90.00
_cell.angle_gamma   90.00
#
_symmetry.space_group_name_H-M   'P 21 21 2'
#
loop_
_entity.id
_entity.type
_entity.pdbx_description
1 polymer 'Serine/threonine-protein kinase HipA'
2 polymer 'Antitoxin HipB'
3 polymer "DNA (5'-D(*TP*CP*CP*CP*TP*AP*TP*CP*CP*CP*CP*TP*TP*AP*AP*GP*GP*GP*GP*AP*TP*AP*G)-3')"
4 polymer "DNA (5'-D(*CP*TP*AP*TP*CP*CP*CP*CP*TP*TP*AP*AP*GP*GP*GP*GP*AP*TP*AP*GP*GP*GP*A)-3')"
#
loop_
_entity_poly.entity_id
_entity_poly.type
_entity_poly.pdbx_seq_one_letter_code
_entity_poly.pdbx_strand_id
1 'polypeptide(L)'
;MHHHHHHSRPKLVTWMNNQRVGELTKLANGAHTFKYAPEWLASRYARPLSLSLPLQRGNITSDAVFNFFDNLLPDSPIVR
DRIVKRYHAKSRQPFDLLSEIGRDSVGAVTLIPEDETVTHPIMAWEKLTEARLEEVLTAYKADIPLGMIREENDFRISVA
GAQEKTALLRIGNDWCIPKGITPTTHIIKLPIGEIRQPNATLDLSQSVDNEYYCLLLAKELGLNVPDAEIIKAGNVRALA
VERFDRRWNAERTVLLRLPQEDMCQTFGLPSSVKYESDGGPGIARIMAFLMGSSEALKDRYDFMKFQVFQWLIGATQGHA
KNFSVFIQAGGSYRLTPFYDIISAFPVLGGTGIHISDLKLAMGLNASKGKKTAIDKIYPRHFLATAKVLRFPEVQMHEIL
SDFARMIPAALDNVKTSLPTDFPENVVTAVESNVLRLHGRLSREYGSK
;
A,D
2 'polypeptide(L)'
;GSHMMSFQKIYSPTQLANAMKLVRQQNGWTQSELAKKIGIKQATISNFENNPDNTTLTTFFKILQSLELSMTLCDTKNAS
PESTEQQDLEW
;
B,P
3 'polydeoxyribonucleotide'
;(DT)(DC)(DC)(DC)(DT)(DA)(DT)(DC)(DC)(DC)(DC)(DT)(DT)(DA)(DA)(DG)(DG)(DG)(DG)(DA)
(DT)(DA)(DG)
;
T
4 'polydeoxyribonucleotide'
;(DC)(DT)(DA)(DT)(DC)(DC)(DC)(DC)(DT)(DT)(DA)(DA)(DG)(DG)(DG)(DG)(DA)(DT)(DA)(DG)
(DG)(DG)(DA)
;
E
#
# COMPACT_ATOMS: atom_id res chain seq x y z
N PRO A 10 17.20 -38.07 7.86
CA PRO A 10 17.39 -37.44 6.55
C PRO A 10 16.38 -36.31 6.35
N LYS A 11 16.77 -35.17 5.76
CA LYS A 11 15.77 -34.12 5.56
C LYS A 11 14.84 -34.46 4.39
N LEU A 12 13.58 -34.05 4.50
CA LEU A 12 12.64 -34.14 3.38
C LEU A 12 12.66 -32.87 2.54
N VAL A 13 13.09 -33.00 1.29
CA VAL A 13 13.00 -31.89 0.37
C VAL A 13 11.54 -31.67 0.01
N THR A 14 11.07 -30.44 0.19
CA THR A 14 9.69 -30.12 -0.11
C THR A 14 9.59 -29.55 -1.52
N TRP A 15 8.80 -30.20 -2.35
CA TRP A 15 8.59 -29.80 -3.74
C TRP A 15 7.15 -29.35 -3.97
N MET A 16 6.97 -28.53 -5.00
CA MET A 16 5.66 -28.02 -5.37
C MET A 16 5.60 -27.97 -6.90
N ASN A 17 4.99 -28.97 -7.52
CA ASN A 17 4.94 -29.01 -8.98
C ASN A 17 6.33 -28.99 -9.60
N ASN A 18 7.21 -29.79 -9.03
CA ASN A 18 8.56 -29.91 -9.55
C ASN A 18 9.34 -28.61 -9.33
N GLN A 19 9.05 -27.93 -8.22
CA GLN A 19 9.84 -26.78 -7.78
C GLN A 19 10.31 -26.93 -6.33
N ARG A 20 11.60 -26.69 -6.11
CA ARG A 20 12.21 -26.83 -4.79
C ARG A 20 11.85 -25.74 -3.80
N VAL A 21 10.92 -26.03 -2.90
CA VAL A 21 10.47 -25.00 -1.97
C VAL A 21 11.41 -24.84 -0.78
N GLY A 22 11.79 -25.95 -0.18
CA GLY A 22 12.60 -25.88 1.02
C GLY A 22 12.68 -27.27 1.59
N GLU A 23 13.09 -27.37 2.85
CA GLU A 23 13.38 -28.66 3.44
C GLU A 23 12.89 -28.82 4.85
N LEU A 24 12.20 -29.93 5.09
CA LEU A 24 11.77 -30.29 6.42
C LEU A 24 12.93 -31.01 7.10
N THR A 25 13.29 -30.60 8.32
CA THR A 25 14.37 -31.28 9.05
C THR A 25 13.97 -31.76 10.43
N LYS A 26 14.19 -33.04 10.71
CA LYS A 26 13.88 -33.53 12.05
C LYS A 26 15.12 -33.65 12.89
N LEU A 27 15.22 -32.76 13.87
CA LEU A 27 16.42 -32.69 14.69
C LEU A 27 16.51 -33.86 15.64
N ALA A 28 17.68 -33.99 16.27
CA ALA A 28 17.92 -35.03 17.26
C ALA A 28 16.93 -34.95 18.43
N ASN A 29 16.62 -33.73 18.87
CA ASN A 29 15.68 -33.55 19.99
C ASN A 29 14.22 -33.85 19.64
N GLY A 30 13.96 -34.22 18.38
CA GLY A 30 12.63 -34.51 17.92
C GLY A 30 12.02 -33.21 17.42
N ALA A 31 12.91 -32.30 17.02
CA ALA A 31 12.50 -30.96 16.64
C ALA A 31 12.18 -30.86 15.15
N HIS A 32 10.93 -30.50 14.81
CA HIS A 32 10.59 -30.24 13.42
C HIS A 32 10.88 -28.82 13.03
N THR A 33 11.55 -28.67 11.89
CA THR A 33 11.94 -27.37 11.39
C THR A 33 11.95 -27.31 9.87
N PHE A 34 11.83 -26.08 9.38
CA PHE A 34 11.74 -25.81 7.95
C PHE A 34 12.49 -24.54 7.59
N LYS A 35 13.12 -24.57 6.43
CA LYS A 35 13.86 -23.43 5.95
C LYS A 35 13.52 -23.34 4.49
N TYR A 36 13.09 -22.18 4.07
CA TYR A 36 12.82 -22.01 2.66
C TYR A 36 14.13 -22.00 1.90
N ALA A 37 14.11 -22.58 0.70
CA ALA A 37 15.23 -22.55 -0.22
C ALA A 37 15.35 -21.14 -0.80
N PRO A 38 16.52 -20.49 -0.66
CA PRO A 38 16.76 -19.14 -1.22
C PRO A 38 16.27 -18.94 -2.66
N GLU A 39 16.45 -19.95 -3.50
CA GLU A 39 15.99 -19.95 -4.88
C GLU A 39 14.45 -19.90 -4.99
N TRP A 40 13.76 -20.36 -3.94
CA TRP A 40 12.31 -20.30 -3.85
C TRP A 40 11.86 -18.93 -3.38
N LEU A 41 12.52 -18.39 -2.36
CA LEU A 41 12.19 -17.05 -1.90
C LEU A 41 12.22 -16.03 -3.03
N ALA A 42 12.97 -16.33 -4.09
CA ALA A 42 13.15 -15.38 -5.20
C ALA A 42 12.36 -15.74 -6.46
N SER A 43 11.74 -16.92 -6.43
CA SER A 43 11.03 -17.45 -7.58
C SER A 43 9.86 -16.56 -8.00
N ARG A 44 9.40 -16.74 -9.23
CA ARG A 44 8.15 -16.13 -9.71
C ARG A 44 6.96 -16.67 -8.90
N TYR A 45 6.91 -17.99 -8.75
CA TYR A 45 5.79 -18.69 -8.10
C TYR A 45 5.83 -18.57 -6.59
N ALA A 46 6.80 -17.83 -6.08
CA ALA A 46 7.04 -17.78 -4.66
C ALA A 46 5.78 -17.57 -3.83
N ARG A 47 5.58 -18.41 -2.83
CA ARG A 47 4.47 -18.28 -1.89
C ARG A 47 4.74 -19.11 -0.64
N PRO A 48 4.12 -18.76 0.49
CA PRO A 48 4.44 -19.61 1.63
C PRO A 48 3.73 -20.94 1.46
N LEU A 49 4.37 -22.00 1.94
CA LEU A 49 3.81 -23.35 1.93
C LEU A 49 2.45 -23.27 2.61
N SER A 50 2.42 -22.47 3.66
CA SER A 50 1.24 -22.28 4.47
C SER A 50 1.30 -20.89 5.06
N LEU A 51 0.14 -20.26 5.15
CA LEU A 51 0.03 -18.93 5.73
C LEU A 51 0.56 -18.89 7.16
N SER A 52 0.59 -20.03 7.84
CA SER A 52 1.13 -20.07 9.19
C SER A 52 2.66 -20.04 9.13
N LEU A 53 3.19 -20.14 7.92
CA LEU A 53 4.62 -20.22 7.69
C LEU A 53 5.02 -19.20 6.60
N PRO A 54 5.00 -17.91 6.94
CA PRO A 54 5.23 -16.79 6.02
C PRO A 54 6.67 -16.74 5.53
N LEU A 55 6.89 -16.59 4.23
CA LEU A 55 8.25 -16.57 3.69
C LEU A 55 9.20 -15.71 4.53
N GLN A 56 10.39 -16.24 4.78
CA GLN A 56 11.43 -15.55 5.52
C GLN A 56 12.73 -16.30 5.28
N ARG A 57 13.80 -15.96 5.99
CA ARG A 57 15.11 -16.52 5.66
C ARG A 57 15.57 -17.69 6.54
N GLY A 58 15.36 -17.58 7.85
CA GLY A 58 15.93 -18.54 8.77
C GLY A 58 15.28 -19.90 8.83
N ASN A 59 15.62 -20.66 9.86
CA ASN A 59 14.95 -21.92 10.12
C ASN A 59 13.71 -21.61 10.94
N ILE A 60 12.57 -22.09 10.48
CA ILE A 60 11.32 -21.87 11.18
C ILE A 60 11.17 -22.91 12.23
N THR A 61 10.92 -22.51 13.47
CA THR A 61 10.95 -23.47 14.55
C THR A 61 9.66 -23.60 15.34
N SER A 62 8.71 -22.73 15.06
CA SER A 62 7.45 -22.74 15.76
C SER A 62 6.60 -23.96 15.45
N ASP A 63 5.55 -24.09 16.25
CA ASP A 63 4.63 -25.22 16.22
C ASP A 63 3.92 -25.36 14.88
N ALA A 64 3.85 -24.25 14.14
CA ALA A 64 3.17 -24.21 12.86
C ALA A 64 3.82 -25.19 11.89
N VAL A 65 5.14 -25.35 12.01
CA VAL A 65 5.87 -26.26 11.14
C VAL A 65 5.41 -27.71 11.34
N PHE A 66 5.27 -28.11 12.61
CA PHE A 66 4.87 -29.47 12.95
C PHE A 66 3.41 -29.64 12.59
N ASN A 67 2.58 -28.74 13.10
CA ASN A 67 1.16 -28.80 12.87
C ASN A 67 0.81 -28.81 11.40
N PHE A 68 1.49 -27.97 10.62
CA PHE A 68 1.18 -27.90 9.19
C PHE A 68 1.34 -29.27 8.55
N PHE A 69 2.51 -29.87 8.71
CA PHE A 69 2.81 -31.14 8.05
C PHE A 69 1.95 -32.23 8.62
N ASP A 70 1.73 -32.21 9.93
CA ASP A 70 0.83 -33.14 10.61
C ASP A 70 -0.54 -33.17 9.92
N ASN A 71 -1.07 -31.98 9.61
CA ASN A 71 -2.39 -31.86 8.99
C ASN A 71 -2.43 -32.32 7.55
N LEU A 72 -1.39 -33.02 7.14
CA LEU A 72 -1.37 -33.67 5.83
C LEU A 72 -1.73 -35.14 5.96
N LEU A 73 -1.54 -35.70 7.15
CA LEU A 73 -1.89 -37.11 7.38
C LEU A 73 -3.29 -37.24 7.94
N PRO A 74 -3.89 -38.44 7.82
CA PRO A 74 -5.26 -38.75 8.27
C PRO A 74 -5.51 -38.48 9.75
N ASP A 75 -6.75 -38.20 10.13
CA ASP A 75 -6.99 -37.85 11.51
C ASP A 75 -6.68 -38.95 12.55
N SER A 76 -7.11 -40.15 12.25
CA SER A 76 -7.31 -41.19 13.25
C SER A 76 -6.01 -41.94 13.57
N PRO A 77 -5.65 -42.12 14.84
CA PRO A 77 -4.26 -42.60 14.80
C PRO A 77 -4.17 -44.11 14.29
N ILE A 78 -5.31 -44.79 14.19
CA ILE A 78 -5.39 -46.11 13.62
C ILE A 78 -5.06 -46.16 12.14
N VAL A 79 -5.70 -45.27 11.37
CA VAL A 79 -5.43 -45.10 9.98
C VAL A 79 -3.92 -45.00 9.90
N ARG A 80 -3.33 -44.34 10.90
CA ARG A 80 -1.88 -44.08 10.97
C ARG A 80 -1.00 -45.33 11.10
N ASP A 81 -1.42 -46.24 11.99
CA ASP A 81 -0.84 -47.57 12.14
C ASP A 81 -1.05 -48.35 10.85
N ARG A 82 -2.25 -48.20 10.29
CA ARG A 82 -2.54 -48.74 8.96
C ARG A 82 -1.45 -48.33 7.96
N ILE A 83 -0.82 -47.20 8.19
CA ILE A 83 0.21 -46.73 7.28
C ILE A 83 1.62 -47.15 7.69
N VAL A 84 1.88 -47.23 9.00
CA VAL A 84 3.17 -47.69 9.55
C VAL A 84 3.36 -49.21 9.32
N LYS A 85 2.25 -49.87 9.06
CA LYS A 85 2.22 -51.28 8.67
C LYS A 85 2.59 -51.41 7.20
N ARG A 86 1.66 -50.99 6.34
CA ARG A 86 1.78 -51.04 4.88
C ARG A 86 3.21 -50.71 4.44
N TYR A 87 3.55 -49.42 4.42
CA TYR A 87 4.86 -48.98 3.98
C TYR A 87 5.91 -48.92 5.11
N HIS A 88 5.95 -49.97 5.94
CA HIS A 88 6.91 -50.09 7.06
C HIS A 88 7.57 -48.79 7.54
N ALA A 89 6.81 -47.99 8.30
CA ALA A 89 7.30 -46.72 8.83
C ALA A 89 8.16 -46.90 10.09
N LYS A 90 9.12 -45.99 10.27
CA LYS A 90 10.01 -45.98 11.44
C LYS A 90 9.34 -45.46 12.72
N SER A 91 8.09 -45.04 12.59
CA SER A 91 7.34 -44.47 13.70
C SER A 91 5.94 -44.08 13.23
N ARG A 92 5.12 -43.63 14.17
CA ARG A 92 3.86 -42.98 13.83
C ARG A 92 4.09 -41.45 13.68
N GLN A 93 5.33 -41.02 13.91
CA GLN A 93 5.75 -39.62 13.73
C GLN A 93 5.44 -39.03 12.33
N PRO A 94 5.01 -37.74 12.29
CA PRO A 94 4.65 -37.06 11.03
C PRO A 94 5.75 -37.10 10.00
N PHE A 95 6.96 -36.81 10.49
CA PHE A 95 8.09 -36.85 9.60
C PHE A 95 8.29 -38.22 8.97
N ASP A 96 8.22 -39.27 9.79
CA ASP A 96 8.52 -40.62 9.35
C ASP A 96 7.51 -41.18 8.37
N LEU A 97 6.23 -40.92 8.64
CA LEU A 97 5.13 -41.34 7.75
C LEU A 97 5.21 -40.60 6.42
N LEU A 98 5.52 -39.30 6.47
CA LEU A 98 5.55 -38.49 5.25
C LEU A 98 6.73 -38.91 4.37
N SER A 99 7.70 -39.59 4.99
CA SER A 99 8.86 -40.08 4.28
C SER A 99 8.53 -41.36 3.51
N GLU A 100 7.29 -41.84 3.68
CA GLU A 100 6.79 -42.97 2.91
C GLU A 100 5.77 -42.51 1.86
N ILE A 101 4.65 -41.96 2.32
CA ILE A 101 3.59 -41.60 1.39
C ILE A 101 3.68 -40.15 0.95
N GLY A 102 4.89 -39.61 0.93
CA GLY A 102 5.12 -38.19 0.69
C GLY A 102 4.58 -37.60 -0.62
N ARG A 103 4.70 -38.38 -1.68
CA ARG A 103 4.37 -37.91 -3.04
C ARG A 103 3.04 -37.15 -3.18
N ASP A 104 1.94 -37.84 -3.47
CA ASP A 104 0.65 -37.18 -3.66
C ASP A 104 -0.05 -36.86 -2.33
N SER A 105 0.39 -35.80 -1.66
CA SER A 105 -0.29 -35.29 -0.45
C SER A 105 -1.41 -34.30 -0.84
N VAL A 106 -2.33 -34.02 0.10
CA VAL A 106 -3.35 -33.01 -0.12
C VAL A 106 -2.64 -31.66 -0.38
N GLY A 107 -3.38 -30.68 -0.91
CA GLY A 107 -2.81 -29.38 -1.26
C GLY A 107 -2.01 -29.36 -2.57
N ALA A 108 -0.68 -29.47 -2.44
CA ALA A 108 0.25 -29.46 -3.58
C ALA A 108 1.67 -29.92 -3.21
N VAL A 109 1.95 -30.04 -1.92
CA VAL A 109 3.32 -30.35 -1.50
C VAL A 109 3.71 -31.77 -1.88
N THR A 110 4.98 -31.93 -2.26
CA THR A 110 5.52 -33.24 -2.62
C THR A 110 6.78 -33.45 -1.80
N LEU A 111 6.66 -34.19 -0.70
CA LEU A 111 7.81 -34.49 0.18
C LEU A 111 8.61 -35.74 -0.24
N ILE A 112 9.81 -35.48 -0.75
CA ILE A 112 10.69 -36.52 -1.22
C ILE A 112 12.00 -36.40 -0.45
N PRO A 113 12.39 -37.49 0.25
CA PRO A 113 13.62 -37.53 1.06
C PRO A 113 14.79 -36.83 0.37
N GLU A 114 15.70 -36.29 1.15
CA GLU A 114 16.81 -35.56 0.58
C GLU A 114 17.63 -36.49 -0.28
N ASP A 115 17.76 -37.72 0.21
CA ASP A 115 18.50 -38.81 -0.45
C ASP A 115 17.62 -39.47 -1.53
N GLU A 116 17.14 -38.67 -2.46
CA GLU A 116 16.05 -39.10 -3.30
C GLU A 116 15.65 -37.99 -4.27
N THR A 117 16.58 -37.41 -5.00
CA THR A 117 16.08 -37.09 -6.32
C THR A 117 14.97 -38.20 -6.71
N VAL A 118 15.17 -39.56 -6.47
CA VAL A 118 14.50 -40.74 -7.14
C VAL A 118 13.19 -40.23 -8.13
N THR A 119 13.54 -39.21 -9.05
CA THR A 119 12.51 -38.11 -9.76
C THR A 119 11.34 -39.13 -9.91
N HIS A 120 10.01 -38.85 -9.68
CA HIS A 120 8.83 -39.83 -9.92
C HIS A 120 8.29 -39.84 -11.41
N PRO A 121 7.98 -41.03 -12.04
CA PRO A 121 7.48 -40.78 -13.41
C PRO A 121 6.50 -39.58 -13.42
N ILE A 122 6.86 -38.48 -14.09
CA ILE A 122 6.15 -37.22 -13.92
C ILE A 122 4.68 -37.39 -14.28
N MET A 123 4.44 -38.29 -15.25
CA MET A 123 3.11 -38.57 -15.76
C MET A 123 2.91 -40.04 -16.14
N ALA A 124 2.53 -40.87 -15.16
CA ALA A 124 2.36 -42.31 -15.37
C ALA A 124 1.16 -42.90 -14.63
N TRP A 125 0.49 -43.86 -15.24
CA TRP A 125 -0.72 -44.44 -14.67
C TRP A 125 -1.00 -45.86 -15.21
N GLU A 126 -1.66 -46.66 -14.39
CA GLU A 126 -2.09 -48.00 -14.77
C GLU A 126 -3.63 -47.95 -14.89
N LYS A 127 -4.14 -48.10 -16.12
CA LYS A 127 -5.59 -48.15 -16.38
C LYS A 127 -6.21 -49.35 -15.70
N LEU A 128 -7.03 -49.14 -14.67
CA LEU A 128 -7.55 -50.26 -13.86
C LEU A 128 -8.69 -51.03 -14.53
N THR A 129 -8.93 -52.24 -14.03
CA THR A 129 -9.98 -53.08 -14.56
C THR A 129 -11.16 -52.86 -13.64
N GLU A 130 -12.31 -53.44 -13.98
CA GLU A 130 -13.48 -53.33 -13.11
C GLU A 130 -13.27 -54.15 -11.84
N ALA A 131 -12.34 -55.10 -11.90
CA ALA A 131 -12.03 -55.94 -10.75
C ALA A 131 -10.91 -55.34 -9.89
N ARG A 132 -9.88 -54.80 -10.55
CA ARG A 132 -8.83 -54.06 -9.85
C ARG A 132 -9.44 -52.94 -9.03
N LEU A 133 -10.40 -52.23 -9.63
CA LEU A 133 -11.11 -51.17 -8.94
C LEU A 133 -11.87 -51.75 -7.76
N GLU A 134 -12.68 -52.76 -8.04
CA GLU A 134 -13.46 -53.39 -6.99
C GLU A 134 -12.58 -53.85 -5.84
N GLU A 135 -11.30 -54.08 -6.15
CA GLU A 135 -10.31 -54.53 -5.17
C GLU A 135 -9.73 -53.37 -4.37
N VAL A 136 -9.43 -52.26 -5.04
CA VAL A 136 -8.87 -51.09 -4.37
C VAL A 136 -9.95 -50.44 -3.52
N LEU A 137 -11.18 -50.41 -4.04
CA LEU A 137 -12.30 -49.79 -3.33
C LEU A 137 -12.61 -50.56 -2.04
N THR A 138 -12.92 -51.84 -2.18
CA THR A 138 -13.19 -52.68 -1.00
C THR A 138 -11.98 -52.75 -0.06
N ALA A 139 -10.78 -52.54 -0.60
CA ALA A 139 -9.54 -52.68 0.20
C ALA A 139 -9.53 -51.76 1.41
N TYR A 140 -9.75 -50.46 1.18
CA TYR A 140 -9.78 -49.46 2.24
C TYR A 140 -10.97 -49.63 3.19
N LYS A 141 -11.03 -50.82 3.79
CA LYS A 141 -12.05 -51.17 4.76
C LYS A 141 -11.52 -52.25 5.69
N ALA A 142 -10.88 -53.28 5.13
CA ALA A 142 -10.35 -54.36 5.95
C ALA A 142 -8.82 -54.28 6.06
N ASP A 154 3.05 -48.66 -7.09
CA ASP A 154 3.24 -47.26 -6.70
C ASP A 154 1.89 -46.58 -6.35
N PHE A 155 1.63 -46.42 -5.05
CA PHE A 155 0.38 -45.83 -4.55
C PHE A 155 0.67 -44.95 -3.32
N ARG A 156 1.70 -44.13 -3.45
CA ARG A 156 2.16 -43.24 -2.40
C ARG A 156 1.32 -41.96 -2.34
N ILE A 157 0.10 -42.08 -1.82
CA ILE A 157 -0.81 -40.94 -1.70
C ILE A 157 -1.10 -40.60 -0.23
N SER A 158 -1.75 -39.46 0.01
CA SER A 158 -2.14 -39.04 1.36
C SER A 158 -3.41 -38.19 1.32
N VAL A 159 -4.48 -38.69 1.95
CA VAL A 159 -5.74 -37.96 2.04
C VAL A 159 -6.08 -37.61 3.49
N ALA A 160 -6.25 -36.31 3.76
CA ALA A 160 -6.62 -35.86 5.09
C ALA A 160 -8.14 -35.69 5.18
N GLY A 161 -8.71 -36.16 6.28
CA GLY A 161 -10.14 -35.97 6.51
C GLY A 161 -10.72 -36.74 7.68
N ALA A 162 -12.03 -36.53 7.89
CA ALA A 162 -12.77 -37.21 8.94
C ALA A 162 -12.91 -38.74 8.73
N GLN A 163 -13.27 -39.18 7.52
CA GLN A 163 -13.50 -40.60 7.23
C GLN A 163 -12.46 -41.28 6.31
N GLU A 164 -12.54 -42.61 6.18
CA GLU A 164 -11.63 -43.39 5.33
C GLU A 164 -11.81 -43.12 3.83
N LYS A 165 -10.76 -42.60 3.19
CA LYS A 165 -10.82 -42.23 1.77
C LYS A 165 -9.49 -42.33 1.02
N THR A 166 -9.56 -42.85 -0.20
CA THR A 166 -8.41 -42.96 -1.09
C THR A 166 -8.54 -41.93 -2.21
N ALA A 167 -7.86 -42.15 -3.32
CA ALA A 167 -7.88 -41.21 -4.43
C ALA A 167 -7.34 -41.84 -5.71
N LEU A 168 -7.97 -41.50 -6.83
CA LEU A 168 -7.58 -42.05 -8.12
C LEU A 168 -7.51 -41.03 -9.24
N LEU A 169 -7.01 -41.49 -10.38
CA LEU A 169 -6.83 -40.65 -11.56
C LEU A 169 -7.72 -41.15 -12.68
N ARG A 170 -8.64 -40.30 -13.13
CA ARG A 170 -9.52 -40.65 -14.23
C ARG A 170 -9.01 -40.04 -15.53
N ILE A 171 -8.71 -40.89 -16.51
CA ILE A 171 -8.25 -40.43 -17.81
C ILE A 171 -8.95 -41.20 -18.94
N GLY A 172 -9.50 -40.44 -19.89
CA GLY A 172 -10.22 -41.01 -21.01
C GLY A 172 -11.58 -41.56 -20.62
N ASN A 173 -11.58 -42.75 -20.04
CA ASN A 173 -12.81 -43.42 -19.67
C ASN A 173 -12.49 -44.53 -18.68
N ASP A 174 -11.24 -44.53 -18.23
CA ASP A 174 -10.77 -45.55 -17.32
C ASP A 174 -10.25 -44.92 -16.03
N TRP A 175 -10.43 -45.64 -14.94
CA TRP A 175 -9.89 -45.24 -13.66
C TRP A 175 -8.51 -45.89 -13.50
N CYS A 176 -7.47 -45.06 -13.46
CA CYS A 176 -6.09 -45.52 -13.39
C CYS A 176 -5.43 -45.13 -12.07
N ILE A 177 -4.39 -45.85 -11.69
CA ILE A 177 -3.62 -45.53 -10.50
C ILE A 177 -2.33 -44.79 -10.87
N PRO A 178 -2.06 -43.66 -10.21
CA PRO A 178 -0.90 -42.86 -10.56
C PRO A 178 0.36 -43.64 -10.24
N LYS A 179 1.45 -43.30 -10.92
CA LYS A 179 2.70 -43.99 -10.68
C LYS A 179 3.83 -42.95 -10.63
N GLY A 180 4.35 -42.75 -9.44
CA GLY A 180 5.36 -41.76 -9.18
C GLY A 180 4.78 -40.52 -8.53
N ILE A 181 5.21 -39.36 -9.01
CA ILE A 181 4.75 -38.11 -8.47
C ILE A 181 3.60 -37.66 -9.35
N THR A 182 2.97 -38.65 -9.98
CA THR A 182 1.80 -38.38 -10.81
C THR A 182 0.60 -38.06 -9.93
N PRO A 183 0.05 -36.86 -10.14
CA PRO A 183 -1.09 -36.41 -9.35
C PRO A 183 -2.32 -37.23 -9.66
N THR A 184 -3.32 -37.07 -8.80
CA THR A 184 -4.61 -37.72 -8.96
C THR A 184 -5.67 -36.69 -9.38
N THR A 185 -6.76 -37.14 -10.00
CA THR A 185 -7.84 -36.23 -10.43
C THR A 185 -9.18 -36.42 -9.69
N HIS A 186 -9.27 -37.48 -8.90
CA HIS A 186 -10.48 -37.73 -8.11
C HIS A 186 -10.22 -38.27 -6.72
N ILE A 187 -10.94 -37.71 -5.74
CA ILE A 187 -10.91 -38.21 -4.38
C ILE A 187 -12.05 -39.21 -4.26
N ILE A 188 -11.72 -40.49 -4.15
CA ILE A 188 -12.75 -41.54 -4.04
C ILE A 188 -13.03 -41.94 -2.59
N LYS A 189 -14.30 -41.97 -2.26
CA LYS A 189 -14.74 -42.23 -0.90
C LYS A 189 -15.49 -43.56 -0.81
N LEU A 190 -15.20 -44.31 0.24
CA LEU A 190 -15.78 -45.62 0.44
C LEU A 190 -16.88 -45.48 1.49
N PRO A 191 -17.96 -46.29 1.39
CA PRO A 191 -18.99 -46.30 2.44
C PRO A 191 -18.38 -46.69 3.80
N ILE A 192 -18.65 -45.89 4.83
CA ILE A 192 -18.05 -46.05 6.17
C ILE A 192 -18.39 -47.42 6.80
N LEU A 204 -23.48 -43.83 9.91
CA LEU A 204 -23.76 -43.81 8.48
C LEU A 204 -23.66 -45.23 7.86
N SER A 205 -24.66 -45.55 7.03
CA SER A 205 -24.66 -46.82 6.30
C SER A 205 -24.44 -46.54 4.81
N GLN A 206 -24.90 -45.37 4.36
CA GLN A 206 -24.68 -44.95 2.97
C GLN A 206 -24.08 -43.55 2.86
N SER A 207 -22.95 -43.34 3.54
CA SER A 207 -22.21 -42.09 3.43
C SER A 207 -22.00 -41.66 1.98
N VAL A 208 -21.62 -42.60 1.11
CA VAL A 208 -21.39 -42.29 -0.30
C VAL A 208 -22.60 -41.68 -0.99
N ASP A 209 -23.79 -42.09 -0.58
CA ASP A 209 -25.04 -41.63 -1.19
C ASP A 209 -25.55 -40.31 -0.57
N ASN A 210 -25.37 -40.20 0.75
CA ASN A 210 -25.69 -38.99 1.47
C ASN A 210 -24.98 -37.78 0.86
N GLU A 211 -23.65 -37.84 0.79
CA GLU A 211 -22.83 -36.73 0.25
C GLU A 211 -23.06 -36.44 -1.23
N TYR A 212 -23.30 -37.50 -2.01
CA TYR A 212 -23.53 -37.35 -3.45
C TYR A 212 -24.83 -36.62 -3.69
N TYR A 213 -25.72 -36.70 -2.72
CA TYR A 213 -26.94 -35.91 -2.76
C TYR A 213 -26.60 -34.50 -2.34
N CYS A 214 -25.98 -34.37 -1.18
CA CYS A 214 -25.66 -33.04 -0.65
C CYS A 214 -24.96 -32.16 -1.69
N LEU A 215 -23.99 -32.72 -2.40
CA LEU A 215 -23.29 -32.02 -3.50
C LEU A 215 -24.18 -31.56 -4.68
N LEU A 216 -24.96 -32.48 -5.24
CA LEU A 216 -25.86 -32.14 -6.32
C LEU A 216 -26.76 -30.99 -5.91
N LEU A 217 -27.21 -31.05 -4.65
CA LEU A 217 -28.06 -30.01 -4.09
C LEU A 217 -27.35 -28.66 -3.99
N ALA A 218 -26.16 -28.67 -3.37
CA ALA A 218 -25.39 -27.44 -3.17
C ALA A 218 -25.06 -26.74 -4.48
N LYS A 219 -24.80 -27.52 -5.53
CA LYS A 219 -24.56 -26.97 -6.85
C LYS A 219 -25.85 -26.33 -7.36
N GLU A 220 -26.95 -27.07 -7.23
CA GLU A 220 -28.24 -26.60 -7.69
C GLU A 220 -28.64 -25.26 -7.07
N LEU A 221 -28.08 -24.98 -5.90
CA LEU A 221 -28.41 -23.78 -5.17
C LEU A 221 -27.31 -22.74 -5.31
N GLY A 222 -26.45 -22.94 -6.31
CA GLY A 222 -25.46 -21.95 -6.64
C GLY A 222 -24.17 -22.02 -5.86
N LEU A 223 -24.14 -22.82 -4.80
CA LEU A 223 -22.92 -22.97 -4.02
C LEU A 223 -21.84 -23.64 -4.87
N ASN A 224 -20.60 -23.26 -4.63
CA ASN A 224 -19.47 -23.77 -5.38
C ASN A 224 -18.89 -25.05 -4.80
N VAL A 225 -19.31 -26.18 -5.37
CA VAL A 225 -18.82 -27.48 -4.98
C VAL A 225 -18.35 -28.21 -6.22
N PRO A 226 -17.55 -29.25 -6.02
CA PRO A 226 -16.97 -30.07 -7.09
C PRO A 226 -18.00 -31.06 -7.64
N ASP A 227 -17.89 -31.33 -8.93
CA ASP A 227 -18.73 -32.32 -9.58
C ASP A 227 -18.30 -33.70 -9.10
N ALA A 228 -19.22 -34.40 -8.43
CA ALA A 228 -18.97 -35.77 -7.99
C ALA A 228 -19.88 -36.78 -8.69
N GLU A 229 -19.34 -37.96 -8.97
CA GLU A 229 -20.09 -39.03 -9.61
C GLU A 229 -20.00 -40.30 -8.75
N ILE A 230 -20.95 -41.22 -8.91
CA ILE A 230 -20.84 -42.50 -8.19
C ILE A 230 -20.31 -43.61 -9.08
N ILE A 231 -19.24 -44.25 -8.60
CA ILE A 231 -18.63 -45.37 -9.32
C ILE A 231 -19.15 -46.71 -8.75
N LYS A 232 -19.50 -47.66 -9.62
CA LYS A 232 -19.98 -48.98 -9.18
C LYS A 232 -19.12 -50.17 -9.63
N ALA A 233 -18.43 -50.79 -8.67
CA ALA A 233 -17.47 -51.86 -8.97
C ALA A 233 -17.89 -53.22 -8.40
N GLY A 234 -18.59 -54.01 -9.20
CA GLY A 234 -19.11 -55.29 -8.75
C GLY A 234 -20.15 -55.11 -7.66
N ASN A 235 -19.75 -55.36 -6.41
CA ASN A 235 -20.58 -55.11 -5.24
C ASN A 235 -20.40 -53.70 -4.64
N VAL A 236 -19.15 -53.26 -4.54
CA VAL A 236 -18.81 -52.04 -3.83
C VAL A 236 -19.46 -50.82 -4.48
N ARG A 237 -19.69 -49.79 -3.67
CA ARG A 237 -20.26 -48.55 -4.16
C ARG A 237 -19.48 -47.41 -3.57
N ALA A 238 -18.79 -46.66 -4.43
CA ALA A 238 -17.96 -45.56 -3.96
C ALA A 238 -18.32 -44.23 -4.61
N LEU A 239 -17.91 -43.15 -3.96
CA LEU A 239 -18.10 -41.80 -4.45
C LEU A 239 -16.81 -41.26 -5.08
N ALA A 240 -16.93 -40.62 -6.24
CA ALA A 240 -15.75 -40.10 -6.92
C ALA A 240 -15.80 -38.57 -7.11
N VAL A 241 -15.15 -37.84 -6.21
CA VAL A 241 -15.15 -36.37 -6.25
C VAL A 241 -13.98 -35.77 -7.05
N GLU A 242 -14.31 -34.90 -8.00
CA GLU A 242 -13.31 -34.25 -8.83
C GLU A 242 -12.53 -33.29 -7.98
N ARG A 243 -11.22 -33.39 -8.05
CA ARG A 243 -10.43 -32.50 -7.24
C ARG A 243 -10.43 -31.12 -7.87
N PHE A 244 -10.48 -30.11 -7.03
CA PHE A 244 -10.37 -28.76 -7.50
C PHE A 244 -8.94 -28.27 -7.25
N ASP A 245 -8.15 -29.09 -6.55
CA ASP A 245 -6.75 -28.75 -6.35
C ASP A 245 -5.89 -29.47 -7.37
N ARG A 246 -6.45 -29.72 -8.54
CA ARG A 246 -5.72 -30.38 -9.61
C ARG A 246 -6.14 -29.78 -10.93
N ARG A 247 -5.19 -29.60 -11.84
CA ARG A 247 -5.46 -28.95 -13.11
C ARG A 247 -4.43 -29.26 -14.19
N TRP A 248 -4.91 -29.72 -15.33
CA TRP A 248 -4.04 -29.98 -16.47
C TRP A 248 -3.45 -28.69 -16.99
N ASN A 249 -2.15 -28.69 -17.25
CA ASN A 249 -1.52 -27.54 -17.88
C ASN A 249 -2.14 -27.33 -19.25
N ALA A 250 -1.83 -26.17 -19.86
CA ALA A 250 -2.35 -25.84 -21.17
C ALA A 250 -2.19 -26.99 -22.16
N GLU A 251 -0.96 -27.44 -22.34
CA GLU A 251 -0.64 -28.45 -23.34
C GLU A 251 -1.37 -29.78 -23.11
N ARG A 252 -1.97 -29.92 -21.93
CA ARG A 252 -2.57 -31.18 -21.49
C ARG A 252 -1.48 -32.25 -21.29
N THR A 253 -0.25 -31.82 -21.07
CA THR A 253 0.87 -32.76 -20.93
C THR A 253 1.34 -32.99 -19.49
N VAL A 254 0.91 -32.12 -18.57
CA VAL A 254 1.32 -32.21 -17.17
C VAL A 254 0.14 -31.94 -16.23
N LEU A 255 -0.01 -32.77 -15.21
CA LEU A 255 -1.05 -32.51 -14.23
C LEU A 255 -0.43 -31.74 -13.09
N LEU A 256 -1.01 -30.59 -12.82
CA LEU A 256 -0.49 -29.69 -11.83
C LEU A 256 -1.23 -29.87 -10.52
N ARG A 257 -0.52 -29.69 -9.41
CA ARG A 257 -1.18 -29.62 -8.13
C ARG A 257 -1.30 -28.15 -7.74
N LEU A 258 -2.47 -27.74 -7.29
CA LEU A 258 -2.64 -26.39 -6.81
C LEU A 258 -2.40 -26.40 -5.29
N PRO A 259 -1.44 -25.59 -4.82
CA PRO A 259 -1.17 -25.43 -3.40
C PRO A 259 -2.44 -25.09 -2.68
N GLN A 260 -2.71 -25.75 -1.56
CA GLN A 260 -3.80 -25.29 -0.72
C GLN A 260 -3.61 -25.73 0.70
N GLU A 261 -4.47 -25.25 1.57
CA GLU A 261 -4.43 -25.65 2.96
C GLU A 261 -5.77 -25.34 3.58
N ASP A 262 -6.07 -26.04 4.67
CA ASP A 262 -7.34 -25.86 5.36
C ASP A 262 -7.20 -24.87 6.50
N MET A 263 -8.32 -24.62 7.17
CA MET A 263 -8.39 -23.58 8.20
C MET A 263 -7.59 -23.88 9.48
N CYS A 264 -7.19 -25.14 9.67
CA CYS A 264 -6.33 -25.50 10.81
C CYS A 264 -4.88 -25.20 10.48
N GLN A 265 -4.50 -25.47 9.23
CA GLN A 265 -3.17 -25.14 8.75
C GLN A 265 -2.96 -23.62 8.67
N THR A 266 -3.93 -22.91 8.09
CA THR A 266 -3.88 -21.45 7.95
C THR A 266 -3.65 -20.70 9.26
N PHE A 267 -4.25 -21.21 10.34
CA PHE A 267 -4.07 -20.62 11.66
C PHE A 267 -2.99 -21.37 12.41
N GLY A 268 -2.38 -22.33 11.73
CA GLY A 268 -1.34 -23.15 12.32
C GLY A 268 -1.82 -23.84 13.58
N LEU A 269 -2.98 -24.47 13.51
CA LEU A 269 -3.54 -25.24 14.62
C LEU A 269 -3.45 -26.74 14.33
N PRO A 270 -3.34 -27.56 15.39
CA PRO A 270 -3.31 -29.02 15.25
C PRO A 270 -4.70 -29.58 14.93
N SER A 271 -4.80 -30.58 14.06
CA SER A 271 -6.10 -31.12 13.65
C SER A 271 -6.92 -31.65 14.82
N SER A 272 -6.36 -31.61 16.02
CA SER A 272 -7.07 -32.04 17.22
C SER A 272 -8.05 -30.98 17.68
N VAL A 273 -8.05 -29.83 17.01
CA VAL A 273 -8.97 -28.75 17.36
C VAL A 273 -9.83 -28.27 16.18
N LYS A 274 -10.05 -29.12 15.18
CA LYS A 274 -10.78 -28.70 13.99
C LYS A 274 -12.18 -28.19 14.30
N TYR A 275 -12.76 -28.68 15.39
CA TYR A 275 -14.09 -28.26 15.79
C TYR A 275 -13.97 -27.07 16.74
N GLU A 276 -14.86 -26.10 16.56
CA GLU A 276 -14.88 -24.90 17.40
C GLU A 276 -15.05 -25.28 18.85
N SER A 277 -15.87 -26.28 19.12
CA SER A 277 -16.15 -26.63 20.51
C SER A 277 -14.89 -27.14 21.19
N ASP A 278 -13.84 -27.37 20.40
CA ASP A 278 -12.59 -27.88 20.94
C ASP A 278 -11.51 -26.80 21.00
N GLY A 279 -11.83 -25.62 20.47
CA GLY A 279 -10.90 -24.51 20.45
C GLY A 279 -10.60 -24.04 19.04
N GLY A 280 -11.29 -24.64 18.07
CA GLY A 280 -11.07 -24.34 16.67
C GLY A 280 -11.67 -23.03 16.24
N PRO A 281 -11.31 -22.57 15.05
CA PRO A 281 -11.77 -21.27 14.56
C PRO A 281 -13.25 -21.37 14.22
N GLY A 282 -14.00 -20.28 14.38
CA GLY A 282 -15.43 -20.27 14.08
C GLY A 282 -15.73 -19.23 13.03
N ILE A 283 -16.97 -18.75 13.00
CA ILE A 283 -17.35 -17.77 12.01
C ILE A 283 -16.50 -16.49 12.09
N ALA A 284 -16.58 -15.76 13.20
CA ALA A 284 -15.80 -14.54 13.35
C ALA A 284 -14.37 -14.75 12.86
N ARG A 285 -13.70 -15.76 13.38
CA ARG A 285 -12.32 -16.05 12.97
C ARG A 285 -12.21 -16.14 11.45
N ILE A 286 -12.97 -17.04 10.83
CA ILE A 286 -12.87 -17.26 9.39
C ILE A 286 -13.17 -16.00 8.63
N MET A 287 -14.20 -15.30 9.07
CA MET A 287 -14.65 -14.11 8.37
C MET A 287 -13.57 -13.04 8.34
N ALA A 288 -13.09 -12.62 9.50
CA ALA A 288 -12.01 -11.64 9.54
C ALA A 288 -10.94 -12.04 8.53
N PHE A 289 -10.46 -13.28 8.66
CA PHE A 289 -9.40 -13.78 7.78
C PHE A 289 -9.76 -13.60 6.31
N LEU A 290 -10.99 -13.97 5.96
CA LEU A 290 -11.39 -13.93 4.58
C LEU A 290 -11.26 -12.50 4.07
N MET A 291 -11.35 -11.55 4.98
CA MET A 291 -11.23 -10.15 4.60
C MET A 291 -9.92 -9.93 3.85
N GLY A 292 -9.00 -10.87 4.01
CA GLY A 292 -7.71 -10.77 3.35
C GLY A 292 -7.70 -11.50 2.03
N SER A 293 -8.84 -12.06 1.62
CA SER A 293 -8.86 -12.85 0.41
C SER A 293 -8.69 -11.98 -0.81
N SER A 294 -8.43 -12.62 -1.95
CA SER A 294 -8.45 -11.91 -3.21
C SER A 294 -9.89 -11.57 -3.51
N GLU A 295 -10.79 -12.48 -3.21
CA GLU A 295 -12.19 -12.24 -3.50
C GLU A 295 -12.96 -12.06 -2.21
N ALA A 296 -12.47 -11.14 -1.39
CA ALA A 296 -12.92 -11.00 -0.01
C ALA A 296 -14.42 -10.87 0.13
N LEU A 297 -14.98 -9.88 -0.55
CA LEU A 297 -16.41 -9.60 -0.44
C LEU A 297 -17.27 -10.76 -0.95
N LYS A 298 -16.78 -11.44 -1.98
CA LYS A 298 -17.50 -12.58 -2.51
C LYS A 298 -17.36 -13.77 -1.60
N ASP A 299 -16.13 -14.03 -1.21
CA ASP A 299 -15.87 -15.08 -0.25
C ASP A 299 -16.71 -14.85 1.00
N ARG A 300 -16.67 -13.65 1.56
CA ARG A 300 -17.39 -13.40 2.81
C ARG A 300 -18.87 -13.76 2.66
N TYR A 301 -19.44 -13.39 1.53
CA TYR A 301 -20.82 -13.75 1.22
C TYR A 301 -20.97 -15.29 1.15
N ASP A 302 -20.26 -15.94 0.24
CA ASP A 302 -20.39 -17.38 0.09
C ASP A 302 -20.31 -18.10 1.41
N PHE A 303 -19.30 -17.75 2.21
CA PHE A 303 -19.10 -18.39 3.51
C PHE A 303 -20.36 -18.25 4.35
N MET A 304 -20.83 -17.03 4.57
CA MET A 304 -22.02 -16.93 5.39
C MET A 304 -23.07 -17.83 4.76
N LYS A 305 -23.24 -17.70 3.46
CA LYS A 305 -24.30 -18.41 2.72
C LYS A 305 -24.24 -19.89 3.01
N PHE A 306 -23.02 -20.40 3.04
CA PHE A 306 -22.81 -21.78 3.33
C PHE A 306 -23.18 -22.09 4.79
N GLN A 307 -23.14 -21.08 5.66
CA GLN A 307 -23.56 -21.28 7.06
C GLN A 307 -25.06 -21.53 7.14
N VAL A 308 -25.79 -21.06 6.13
CA VAL A 308 -27.21 -21.29 6.11
C VAL A 308 -27.48 -22.67 5.51
N PHE A 309 -26.84 -22.94 4.37
CA PHE A 309 -26.96 -24.25 3.72
C PHE A 309 -26.77 -25.42 4.69
N GLN A 310 -25.62 -25.45 5.34
CA GLN A 310 -25.34 -26.45 6.36
C GLN A 310 -26.47 -26.58 7.34
N TRP A 311 -27.17 -25.47 7.59
CA TRP A 311 -28.27 -25.49 8.54
C TRP A 311 -29.47 -26.15 7.91
N LEU A 312 -29.71 -25.79 6.65
CA LEU A 312 -30.82 -26.37 5.89
C LEU A 312 -30.74 -27.90 5.71
N ILE A 313 -29.56 -28.41 5.38
CA ILE A 313 -29.44 -29.85 5.19
C ILE A 313 -28.88 -30.53 6.42
N GLY A 314 -29.05 -29.89 7.57
CA GLY A 314 -28.53 -30.41 8.82
C GLY A 314 -27.16 -31.08 8.69
N ALA A 315 -26.17 -30.31 8.23
CA ALA A 315 -24.77 -30.78 8.20
C ALA A 315 -24.00 -30.21 9.38
N THR A 316 -23.34 -31.09 10.11
CA THR A 316 -22.70 -30.72 11.35
C THR A 316 -21.19 -30.99 11.28
N GLN A 317 -20.70 -31.25 10.07
CA GLN A 317 -19.31 -31.55 9.85
C GLN A 317 -18.56 -30.31 9.39
N GLY A 318 -19.09 -29.14 9.73
CA GLY A 318 -18.53 -27.89 9.27
C GLY A 318 -17.38 -27.40 10.13
N HIS A 319 -16.30 -28.18 10.15
CA HIS A 319 -15.17 -27.85 11.00
C HIS A 319 -14.03 -27.26 10.22
N ALA A 320 -13.09 -26.72 10.98
CA ALA A 320 -12.03 -25.92 10.41
C ALA A 320 -11.34 -26.62 9.25
N LYS A 321 -11.19 -27.93 9.36
CA LYS A 321 -10.49 -28.64 8.29
C LYS A 321 -11.35 -28.88 7.08
N ASN A 322 -12.58 -28.39 7.10
CA ASN A 322 -13.43 -28.52 5.93
C ASN A 322 -13.54 -27.28 5.06
N PHE A 323 -12.77 -26.26 5.39
CA PHE A 323 -12.73 -25.06 4.59
C PHE A 323 -11.29 -24.79 4.21
N SER A 324 -11.05 -24.52 2.94
CA SER A 324 -9.71 -24.27 2.48
C SER A 324 -9.58 -23.02 1.67
N VAL A 325 -8.37 -22.51 1.59
CA VAL A 325 -8.11 -21.40 0.71
C VAL A 325 -7.04 -21.90 -0.23
N PHE A 326 -7.11 -21.48 -1.49
CA PHE A 326 -6.00 -21.67 -2.42
C PHE A 326 -4.89 -20.70 -2.11
N ILE A 327 -3.65 -21.15 -2.18
CA ILE A 327 -2.53 -20.25 -2.01
C ILE A 327 -2.01 -19.78 -3.38
N GLN A 328 -1.96 -18.47 -3.53
CA GLN A 328 -1.61 -17.83 -4.80
C GLN A 328 -0.33 -17.00 -4.73
N ALA A 329 0.40 -17.00 -5.85
CA ALA A 329 1.63 -16.25 -5.98
C ALA A 329 1.63 -14.99 -5.14
N GLY A 330 2.62 -14.88 -4.26
CA GLY A 330 2.82 -13.68 -3.47
C GLY A 330 2.37 -13.87 -2.03
N GLY A 331 1.36 -14.73 -1.85
CA GLY A 331 0.84 -15.01 -0.53
C GLY A 331 -0.65 -14.75 -0.53
N SER A 332 -1.18 -14.49 -1.69
CA SER A 332 -2.59 -14.19 -1.83
C SER A 332 -3.38 -15.47 -1.64
N TYR A 333 -4.64 -15.33 -1.26
CA TYR A 333 -5.48 -16.51 -1.14
C TYR A 333 -6.93 -16.17 -1.40
N ARG A 334 -7.68 -17.14 -1.91
CA ARG A 334 -9.12 -17.01 -2.05
C ARG A 334 -9.78 -18.30 -1.59
N LEU A 335 -11.05 -18.23 -1.21
CA LEU A 335 -11.77 -19.40 -0.71
C LEU A 335 -11.86 -20.48 -1.81
N THR A 336 -11.57 -21.72 -1.43
CA THR A 336 -11.66 -22.86 -2.35
C THR A 336 -13.05 -23.43 -2.27
N PRO A 337 -13.50 -24.08 -3.35
CA PRO A 337 -14.88 -24.60 -3.32
C PRO A 337 -15.18 -25.32 -2.01
N PHE A 338 -16.46 -25.52 -1.69
CA PHE A 338 -16.81 -26.30 -0.51
C PHE A 338 -16.80 -27.79 -0.83
N TYR A 339 -16.44 -28.58 0.18
CA TYR A 339 -16.26 -30.01 0.02
C TYR A 339 -16.68 -30.76 1.30
N ASP A 340 -16.63 -32.08 1.24
CA ASP A 340 -16.90 -32.92 2.40
C ASP A 340 -18.25 -32.51 3.00
N ILE A 341 -19.31 -32.59 2.20
CA ILE A 341 -20.65 -32.29 2.68
C ILE A 341 -21.52 -33.52 2.88
N ILE A 342 -21.97 -33.70 4.10
CA ILE A 342 -22.85 -34.80 4.45
C ILE A 342 -24.00 -34.30 5.32
N SER A 343 -25.18 -34.89 5.13
CA SER A 343 -26.38 -34.54 5.88
C SER A 343 -26.63 -35.47 7.07
N ALA A 344 -26.81 -34.87 8.24
CA ALA A 344 -27.03 -35.62 9.46
C ALA A 344 -28.49 -36.00 9.66
N PHE A 345 -29.26 -36.02 8.59
CA PHE A 345 -30.69 -36.32 8.67
C PHE A 345 -31.05 -37.81 8.56
N PRO A 346 -30.49 -38.51 7.55
CA PRO A 346 -30.82 -39.93 7.42
C PRO A 346 -30.45 -40.72 8.68
N VAL A 347 -30.03 -40.06 9.75
CA VAL A 347 -29.63 -40.76 10.97
C VAL A 347 -30.52 -40.40 12.16
N LEU A 348 -31.82 -40.34 11.92
CA LEU A 348 -32.74 -39.96 12.98
C LEU A 348 -33.76 -41.05 13.32
N GLY A 349 -34.43 -40.89 14.45
CA GLY A 349 -35.62 -41.66 14.76
C GLY A 349 -35.47 -43.12 15.17
N GLY A 350 -35.27 -43.99 14.20
CA GLY A 350 -35.15 -45.43 14.43
C GLY A 350 -33.94 -45.77 15.29
N THR A 351 -32.92 -44.92 15.20
CA THR A 351 -31.79 -44.98 16.12
C THR A 351 -32.14 -44.07 17.30
N GLY A 352 -31.15 -43.66 18.09
CA GLY A 352 -31.42 -42.75 19.20
C GLY A 352 -31.37 -41.27 18.81
N ILE A 353 -30.59 -40.98 17.77
CA ILE A 353 -30.42 -39.63 17.29
C ILE A 353 -31.75 -38.93 16.98
N HIS A 354 -31.85 -37.65 17.33
CA HIS A 354 -33.02 -36.84 17.03
C HIS A 354 -32.62 -35.44 16.54
N ILE A 355 -33.49 -34.84 15.74
CA ILE A 355 -33.26 -33.50 15.21
C ILE A 355 -32.77 -32.51 16.28
N SER A 356 -33.29 -32.66 17.50
CA SER A 356 -32.96 -31.77 18.60
C SER A 356 -31.56 -32.02 19.15
N ASP A 357 -30.90 -33.02 18.58
CA ASP A 357 -29.55 -33.37 18.99
C ASP A 357 -28.56 -32.95 17.90
N LEU A 358 -29.04 -32.32 16.83
CA LEU A 358 -28.15 -31.89 15.78
C LEU A 358 -27.59 -30.49 16.06
N LYS A 359 -26.27 -30.37 16.13
CA LYS A 359 -25.62 -29.09 16.42
C LYS A 359 -24.56 -28.72 15.40
N LEU A 360 -24.71 -27.54 14.79
CA LEU A 360 -23.70 -27.03 13.87
C LEU A 360 -22.30 -27.08 14.49
N ALA A 361 -21.30 -27.30 13.64
CA ALA A 361 -19.90 -27.25 14.04
C ALA A 361 -19.53 -25.86 14.53
N MET A 362 -20.01 -24.85 13.82
CA MET A 362 -19.71 -23.47 14.15
C MET A 362 -20.96 -22.71 14.59
N GLY A 363 -20.90 -22.10 15.77
CA GLY A 363 -22.07 -21.48 16.36
C GLY A 363 -22.48 -20.13 15.82
N LEU A 364 -23.76 -19.80 15.97
CA LEU A 364 -24.26 -18.49 15.57
C LEU A 364 -24.53 -17.64 16.81
N ASN A 365 -24.53 -16.32 16.63
CA ASN A 365 -24.84 -15.43 17.73
C ASN A 365 -26.30 -15.54 18.15
N ALA A 366 -26.51 -15.70 19.45
CA ALA A 366 -27.86 -15.88 19.99
C ALA A 366 -28.18 -14.79 21.00
N SER A 367 -29.43 -14.77 21.44
CA SER A 367 -29.84 -13.98 22.60
C SER A 367 -29.00 -14.36 23.84
N LYS A 368 -29.12 -15.61 24.28
CA LYS A 368 -28.36 -16.11 25.42
C LYS A 368 -27.08 -16.75 24.93
N GLY A 369 -26.01 -15.97 24.88
CA GLY A 369 -24.71 -16.47 24.44
C GLY A 369 -24.71 -16.78 22.95
N LYS A 370 -24.59 -18.07 22.63
CA LYS A 370 -24.56 -18.51 21.23
C LYS A 370 -25.37 -19.80 21.07
N LYS A 371 -26.30 -19.82 20.13
CA LYS A 371 -27.07 -21.02 19.86
C LYS A 371 -26.49 -21.80 18.67
N THR A 372 -26.65 -23.13 18.72
CA THR A 372 -26.02 -24.04 17.79
C THR A 372 -26.90 -25.24 17.39
N ALA A 373 -27.93 -25.51 18.17
CA ALA A 373 -28.84 -26.63 17.91
C ALA A 373 -29.70 -26.42 16.66
N ILE A 374 -29.43 -27.14 15.57
CA ILE A 374 -30.17 -26.95 14.33
C ILE A 374 -31.66 -26.71 14.53
N ASP A 375 -32.34 -27.59 15.26
CA ASP A 375 -33.79 -27.45 15.38
C ASP A 375 -34.20 -26.26 16.23
N LYS A 376 -33.24 -25.57 16.84
CA LYS A 376 -33.58 -24.40 17.62
C LYS A 376 -33.19 -23.12 16.89
N ILE A 377 -32.48 -23.26 15.77
CA ILE A 377 -31.99 -22.13 14.99
C ILE A 377 -33.05 -21.49 14.08
N TYR A 378 -33.04 -20.16 14.02
CA TYR A 378 -33.99 -19.41 13.20
C TYR A 378 -33.25 -18.30 12.44
N PRO A 379 -33.92 -17.67 11.44
CA PRO A 379 -33.30 -16.59 10.68
C PRO A 379 -32.75 -15.44 11.55
N ARG A 380 -33.45 -15.13 12.64
CA ARG A 380 -33.02 -14.06 13.53
C ARG A 380 -31.61 -14.31 14.07
N HIS A 381 -31.22 -15.58 14.15
CA HIS A 381 -29.88 -15.93 14.62
C HIS A 381 -28.84 -15.55 13.57
N PHE A 382 -29.07 -15.90 12.31
CA PHE A 382 -28.13 -15.59 11.23
C PHE A 382 -27.96 -14.09 11.12
N LEU A 383 -29.05 -13.38 11.35
CA LEU A 383 -29.04 -11.94 11.30
C LEU A 383 -28.43 -11.37 12.56
N ALA A 384 -28.56 -12.10 13.67
CA ALA A 384 -27.90 -11.69 14.89
C ALA A 384 -26.39 -11.77 14.67
N THR A 385 -25.94 -12.88 14.10
CA THR A 385 -24.53 -13.07 13.77
C THR A 385 -24.03 -11.97 12.82
N ALA A 386 -24.56 -11.92 11.61
CA ALA A 386 -24.17 -10.87 10.68
C ALA A 386 -24.03 -9.54 11.41
N LYS A 387 -24.85 -9.32 12.43
CA LYS A 387 -24.85 -8.05 13.15
C LYS A 387 -23.56 -7.78 13.87
N VAL A 388 -23.05 -8.76 14.60
CA VAL A 388 -21.80 -8.52 15.30
C VAL A 388 -20.65 -8.53 14.32
N LEU A 389 -20.65 -9.49 13.40
CA LEU A 389 -19.55 -9.63 12.44
C LEU A 389 -19.49 -8.44 11.50
N ARG A 390 -20.53 -7.63 11.52
CA ARG A 390 -20.67 -6.53 10.57
C ARG A 390 -20.67 -7.04 9.13
N PHE A 391 -21.39 -8.15 8.93
CA PHE A 391 -21.66 -8.65 7.60
C PHE A 391 -22.90 -7.92 7.10
N PRO A 392 -22.85 -7.33 5.89
CA PRO A 392 -23.95 -6.56 5.28
C PRO A 392 -25.35 -7.11 5.58
N GLU A 393 -26.06 -6.48 6.52
CA GLU A 393 -27.35 -7.01 6.92
C GLU A 393 -28.21 -7.28 5.71
N VAL A 394 -28.18 -6.37 4.72
CA VAL A 394 -28.97 -6.52 3.52
C VAL A 394 -28.63 -7.78 2.73
N GLN A 395 -27.37 -8.21 2.87
CA GLN A 395 -26.89 -9.39 2.17
C GLN A 395 -27.25 -10.69 2.91
N MET A 396 -27.40 -10.59 4.23
CA MET A 396 -27.91 -11.68 5.04
C MET A 396 -29.39 -11.87 4.71
N HIS A 397 -30.07 -10.75 4.44
CA HIS A 397 -31.48 -10.75 4.02
C HIS A 397 -31.65 -11.36 2.63
N GLU A 398 -30.76 -11.00 1.72
CA GLU A 398 -30.79 -11.58 0.38
C GLU A 398 -30.49 -13.09 0.36
N ILE A 399 -29.60 -13.55 1.25
CA ILE A 399 -29.24 -14.96 1.33
C ILE A 399 -30.40 -15.82 1.83
N LEU A 400 -30.92 -15.46 3.00
CA LEU A 400 -32.11 -16.09 3.50
C LEU A 400 -33.20 -16.10 2.44
N SER A 401 -33.40 -14.94 1.80
CA SER A 401 -34.48 -14.78 0.82
C SER A 401 -34.32 -15.66 -0.41
N ASP A 402 -33.10 -15.73 -0.92
CA ASP A 402 -32.79 -16.57 -2.08
C ASP A 402 -33.08 -18.05 -1.80
N PHE A 403 -32.61 -18.53 -0.66
CA PHE A 403 -32.96 -19.86 -0.20
C PHE A 403 -34.48 -20.02 -0.10
N ALA A 404 -35.18 -19.08 0.55
CA ALA A 404 -36.63 -19.21 0.71
C ALA A 404 -37.32 -19.65 -0.56
N ARG A 405 -36.95 -19.05 -1.69
CA ARG A 405 -37.69 -19.25 -2.94
C ARG A 405 -36.99 -20.16 -3.93
N MET A 406 -35.94 -20.85 -3.52
CA MET A 406 -35.24 -21.70 -4.44
C MET A 406 -35.30 -23.16 -4.00
N ILE A 407 -35.21 -23.38 -2.69
CA ILE A 407 -35.15 -24.72 -2.14
C ILE A 407 -36.08 -25.64 -2.93
N PRO A 408 -37.40 -25.39 -2.87
CA PRO A 408 -38.33 -26.30 -3.55
C PRO A 408 -37.90 -26.66 -4.97
N ALA A 409 -37.56 -25.68 -5.81
CA ALA A 409 -37.20 -25.97 -7.19
C ALA A 409 -35.95 -26.83 -7.24
N ALA A 410 -34.98 -26.44 -6.42
CA ALA A 410 -33.75 -27.21 -6.30
C ALA A 410 -34.05 -28.69 -6.10
N LEU A 411 -34.77 -29.03 -5.02
CA LEU A 411 -34.98 -30.43 -4.61
C LEU A 411 -35.55 -31.26 -5.75
N ASP A 412 -36.36 -30.63 -6.57
CA ASP A 412 -36.98 -31.29 -7.69
C ASP A 412 -35.93 -31.68 -8.72
N ASN A 413 -35.19 -30.69 -9.18
CA ASN A 413 -34.14 -30.91 -10.15
C ASN A 413 -33.09 -31.92 -9.70
N VAL A 414 -32.72 -31.89 -8.41
CA VAL A 414 -31.77 -32.86 -7.85
C VAL A 414 -32.40 -34.26 -7.79
N LYS A 415 -33.56 -34.37 -7.14
CA LYS A 415 -34.30 -35.64 -7.10
C LYS A 415 -34.39 -36.27 -8.48
N THR A 416 -34.82 -35.48 -9.47
CA THR A 416 -35.00 -35.96 -10.84
C THR A 416 -33.67 -36.33 -11.52
N SER A 417 -32.57 -36.20 -10.78
CA SER A 417 -31.24 -36.57 -11.27
C SER A 417 -30.72 -37.85 -10.62
N LEU A 418 -31.13 -38.06 -9.36
CA LEU A 418 -30.74 -39.25 -8.62
C LEU A 418 -30.92 -40.49 -9.49
N PRO A 419 -29.85 -41.28 -9.62
CA PRO A 419 -29.92 -42.49 -10.45
C PRO A 419 -31.05 -43.37 -9.99
N THR A 420 -31.52 -44.21 -10.90
CA THR A 420 -32.61 -45.12 -10.63
C THR A 420 -32.40 -45.96 -9.35
N ASP A 421 -31.14 -46.23 -9.01
CA ASP A 421 -30.81 -47.09 -7.86
C ASP A 421 -30.44 -46.33 -6.58
N PHE A 422 -31.03 -45.13 -6.41
CA PHE A 422 -30.71 -44.25 -5.27
C PHE A 422 -31.66 -44.47 -4.10
N PRO A 423 -31.08 -44.77 -2.93
CA PRO A 423 -31.81 -45.07 -1.69
C PRO A 423 -32.83 -44.00 -1.37
N GLU A 424 -34.08 -44.25 -1.70
CA GLU A 424 -35.12 -43.25 -1.51
C GLU A 424 -35.33 -42.79 -0.07
N ASN A 425 -34.71 -43.45 0.91
CA ASN A 425 -34.78 -42.98 2.30
C ASN A 425 -33.83 -41.82 2.52
N VAL A 426 -32.66 -41.93 1.91
CA VAL A 426 -31.72 -40.83 1.98
C VAL A 426 -32.43 -39.63 1.39
N VAL A 427 -32.88 -39.75 0.14
CA VAL A 427 -33.66 -38.70 -0.49
C VAL A 427 -34.74 -38.23 0.48
N THR A 428 -35.61 -39.16 0.85
CA THR A 428 -36.76 -38.88 1.71
C THR A 428 -36.38 -38.17 2.99
N ALA A 429 -35.39 -38.69 3.70
CA ALA A 429 -35.02 -38.10 4.98
C ALA A 429 -34.51 -36.67 4.83
N VAL A 430 -33.66 -36.44 3.83
CA VAL A 430 -33.05 -35.12 3.63
C VAL A 430 -34.09 -34.16 3.13
N GLU A 431 -34.57 -34.43 1.93
CA GLU A 431 -35.65 -33.66 1.34
C GLU A 431 -36.79 -33.32 2.33
N SER A 432 -37.02 -34.16 3.35
CA SER A 432 -38.11 -33.87 4.28
C SER A 432 -37.82 -32.76 5.26
N ASN A 433 -36.69 -32.92 5.95
CA ASN A 433 -36.32 -31.99 7.01
C ASN A 433 -35.89 -30.65 6.44
N VAL A 434 -35.41 -30.66 5.21
CA VAL A 434 -35.00 -29.43 4.51
C VAL A 434 -36.16 -28.47 4.39
N LEU A 435 -37.28 -29.01 3.89
CA LEU A 435 -38.55 -28.31 3.84
C LEU A 435 -39.02 -27.89 5.24
N ARG A 436 -38.95 -28.80 6.21
CA ARG A 436 -39.27 -28.48 7.61
C ARG A 436 -38.58 -27.18 8.03
N LEU A 437 -37.27 -27.14 7.82
CA LEU A 437 -36.48 -25.98 8.15
C LEU A 437 -36.84 -24.86 7.19
N HIS A 438 -36.86 -25.17 5.89
CA HIS A 438 -37.18 -24.18 4.85
C HIS A 438 -38.46 -23.41 5.14
N GLY A 439 -39.41 -24.10 5.76
CA GLY A 439 -40.63 -23.48 6.20
C GLY A 439 -40.30 -22.28 7.06
N ARG A 440 -39.41 -22.46 8.03
CA ARG A 440 -38.96 -21.36 8.87
C ARG A 440 -38.50 -20.14 8.09
N LEU A 441 -38.13 -20.33 6.83
CA LEU A 441 -37.69 -19.24 5.96
C LEU A 441 -38.84 -18.58 5.19
N SER A 442 -39.49 -19.37 4.34
CA SER A 442 -40.62 -18.88 3.52
C SER A 442 -41.63 -18.08 4.35
N ARG A 443 -41.84 -18.51 5.59
CA ARG A 443 -42.75 -17.86 6.53
C ARG A 443 -42.32 -16.42 6.85
N GLU A 444 -41.06 -16.10 6.55
CA GLU A 444 -40.56 -14.73 6.71
C GLU A 444 -40.16 -14.06 5.37
N TYR A 445 -39.59 -14.84 4.45
CA TYR A 445 -39.16 -14.32 3.15
C TYR A 445 -39.97 -14.87 1.98
N PHE B 7 4.36 -6.59 -9.58
CA PHE B 7 4.67 -7.39 -8.40
C PHE B 7 3.47 -8.16 -7.87
N GLN B 8 3.53 -8.53 -6.60
CA GLN B 8 2.46 -9.32 -6.01
C GLN B 8 1.43 -8.48 -5.27
N LYS B 9 0.17 -8.77 -5.54
CA LYS B 9 -0.94 -8.07 -4.93
C LYS B 9 -1.15 -8.49 -3.48
N ILE B 10 -1.18 -7.50 -2.58
CA ILE B 10 -1.41 -7.73 -1.16
C ILE B 10 -2.82 -7.37 -0.76
N TYR B 11 -3.46 -8.16 0.09
CA TYR B 11 -4.86 -7.88 0.43
C TYR B 11 -5.18 -7.80 1.92
N SER B 12 -4.19 -7.71 2.79
CA SER B 12 -4.50 -7.60 4.21
C SER B 12 -3.31 -7.00 4.93
N PRO B 13 -3.51 -6.62 6.21
CA PRO B 13 -2.40 -6.11 7.02
C PRO B 13 -1.33 -7.17 7.23
N THR B 14 -1.74 -8.44 7.27
CA THR B 14 -0.86 -9.53 7.64
C THR B 14 0.05 -9.93 6.49
N GLN B 15 -0.54 -10.16 5.34
CA GLN B 15 0.26 -10.47 4.17
C GLN B 15 1.14 -9.26 3.79
N LEU B 16 0.77 -8.08 4.29
CA LEU B 16 1.58 -6.88 4.12
C LEU B 16 2.82 -6.91 5.02
N ALA B 17 2.62 -7.01 6.32
CA ALA B 17 3.73 -7.09 7.27
C ALA B 17 4.71 -8.22 6.94
N ASN B 18 4.17 -9.38 6.58
CA ASN B 18 5.01 -10.49 6.15
C ASN B 18 5.94 -10.05 5.02
N ALA B 19 5.37 -9.49 3.95
CA ALA B 19 6.18 -9.12 2.80
C ALA B 19 7.24 -8.10 3.14
N MET B 20 6.91 -7.15 4.02
CA MET B 20 7.85 -6.09 4.39
C MET B 20 8.94 -6.63 5.31
N LYS B 21 8.55 -7.54 6.19
CA LYS B 21 9.50 -8.15 7.11
C LYS B 21 10.55 -8.88 6.29
N LEU B 22 10.08 -9.57 5.26
CA LEU B 22 10.94 -10.29 4.34
C LEU B 22 11.98 -9.33 3.75
N VAL B 23 11.50 -8.26 3.14
CA VAL B 23 12.39 -7.27 2.56
C VAL B 23 13.46 -6.83 3.56
N ARG B 24 13.10 -6.76 4.84
CA ARG B 24 14.03 -6.30 5.87
C ARG B 24 15.14 -7.28 6.11
N GLN B 25 14.75 -8.55 6.23
CA GLN B 25 15.70 -9.62 6.43
C GLN B 25 16.61 -9.72 5.23
N GLN B 26 16.04 -9.93 4.05
CA GLN B 26 16.84 -9.95 2.83
C GLN B 26 17.52 -8.64 2.49
N ASN B 27 17.67 -7.78 3.49
CA ASN B 27 18.41 -6.54 3.35
C ASN B 27 19.30 -6.30 4.57
N GLY B 28 19.26 -7.24 5.51
CA GLY B 28 20.15 -7.22 6.65
C GLY B 28 19.92 -6.06 7.59
N TRP B 29 18.68 -5.57 7.64
CA TRP B 29 18.40 -4.48 8.53
C TRP B 29 17.76 -5.03 9.77
N THR B 30 17.97 -4.32 10.87
CA THR B 30 17.39 -4.72 12.13
C THR B 30 16.24 -3.81 12.41
N GLN B 31 15.42 -4.22 13.36
CA GLN B 31 14.32 -3.41 13.79
C GLN B 31 14.80 -2.10 14.39
N SER B 32 15.99 -2.13 14.98
CA SER B 32 16.53 -0.93 15.62
C SER B 32 16.96 0.18 14.63
N GLU B 33 17.84 -0.17 13.68
CA GLU B 33 18.38 0.79 12.70
C GLU B 33 17.32 1.55 11.87
N LEU B 34 16.31 0.84 11.39
CA LEU B 34 15.18 1.43 10.69
C LEU B 34 14.36 2.32 11.62
N ALA B 35 14.20 1.87 12.85
CA ALA B 35 13.45 2.63 13.84
C ALA B 35 14.12 3.98 14.12
N LYS B 36 15.45 3.98 14.15
CA LYS B 36 16.21 5.24 14.28
C LYS B 36 16.05 6.22 13.10
N LYS B 37 16.39 5.78 11.89
CA LYS B 37 16.32 6.64 10.70
C LYS B 37 15.02 7.43 10.59
N ILE B 38 13.90 6.75 10.80
CA ILE B 38 12.59 7.39 10.65
C ILE B 38 12.24 8.31 11.83
N GLY B 39 12.12 7.75 13.04
CA GLY B 39 11.81 8.52 14.22
C GLY B 39 10.86 7.75 15.13
N ILE B 40 10.77 6.43 14.91
CA ILE B 40 9.86 5.57 15.73
C ILE B 40 10.56 4.56 16.70
N LYS B 41 9.80 3.97 17.63
CA LYS B 41 10.36 2.99 18.56
C LYS B 41 10.61 1.66 17.91
N GLN B 42 11.62 0.96 18.38
CA GLN B 42 11.86 -0.39 17.93
C GLN B 42 10.60 -1.25 18.19
N ALA B 43 9.97 -1.07 19.36
CA ALA B 43 8.76 -1.84 19.71
C ALA B 43 7.65 -1.77 18.65
N THR B 44 7.47 -0.59 18.08
CA THR B 44 6.47 -0.36 17.07
C THR B 44 6.75 -1.15 15.81
N ILE B 45 8.01 -1.24 15.43
CA ILE B 45 8.35 -2.01 14.25
C ILE B 45 8.02 -3.46 14.52
N SER B 46 8.21 -3.86 15.77
CA SER B 46 7.93 -5.22 16.17
C SER B 46 6.43 -5.43 16.08
N ASN B 47 5.66 -4.65 16.84
CA ASN B 47 4.21 -4.78 16.74
C ASN B 47 3.69 -4.85 15.30
N PHE B 48 4.09 -3.91 14.43
CA PHE B 48 3.66 -3.92 13.03
C PHE B 48 3.94 -5.26 12.35
N GLU B 49 5.11 -5.83 12.65
CA GLU B 49 5.54 -7.04 11.97
C GLU B 49 4.68 -8.25 12.40
N ASN B 50 4.31 -8.30 13.69
CA ASN B 50 3.50 -9.41 14.25
C ASN B 50 1.98 -9.11 14.42
N ASN B 51 1.61 -7.84 14.58
CA ASN B 51 0.21 -7.41 14.78
C ASN B 51 -0.14 -6.17 13.96
N PRO B 52 -0.09 -6.30 12.63
CA PRO B 52 -0.29 -5.17 11.69
C PRO B 52 -1.75 -4.71 11.56
N ASP B 53 -2.72 -5.51 12.01
CA ASP B 53 -4.11 -5.08 11.93
C ASP B 53 -4.30 -3.70 12.52
N ASN B 54 -4.18 -3.58 13.85
CA ASN B 54 -4.27 -2.28 14.49
C ASN B 54 -2.93 -1.56 14.42
N THR B 55 -2.58 -1.09 13.24
CA THR B 55 -1.37 -0.31 13.06
C THR B 55 -1.71 0.97 12.28
N THR B 56 -1.21 2.12 12.73
CA THR B 56 -1.49 3.40 12.08
C THR B 56 -0.89 3.50 10.66
N LEU B 57 -1.49 4.35 9.81
CA LEU B 57 -1.03 4.52 8.43
C LEU B 57 0.27 5.31 8.28
N THR B 58 0.50 6.28 9.16
CA THR B 58 1.77 7.02 9.18
C THR B 58 2.92 6.11 9.62
N THR B 59 2.69 5.40 10.71
CA THR B 59 3.60 4.33 11.07
C THR B 59 3.95 3.59 9.80
N PHE B 60 3.01 2.83 9.26
CA PHE B 60 3.28 2.03 8.06
C PHE B 60 4.05 2.73 6.93
N PHE B 61 3.84 4.03 6.76
CA PHE B 61 4.54 4.72 5.68
C PHE B 61 5.95 5.07 6.13
N LYS B 62 6.08 5.34 7.43
CA LYS B 62 7.36 5.60 8.05
C LYS B 62 8.28 4.39 7.85
N ILE B 63 7.75 3.22 8.15
CA ILE B 63 8.47 1.99 7.95
C ILE B 63 8.66 1.73 6.46
N LEU B 64 7.66 2.06 5.67
CA LEU B 64 7.73 1.90 4.23
C LEU B 64 8.95 2.63 3.67
N GLN B 65 9.13 3.86 4.15
CA GLN B 65 10.24 4.70 3.71
C GLN B 65 11.59 4.13 4.15
N SER B 66 11.66 3.63 5.40
CA SER B 66 12.96 3.21 5.95
C SER B 66 13.48 1.98 5.24
N LEU B 67 12.60 1.30 4.52
CA LEU B 67 12.97 0.12 3.75
C LEU B 67 13.26 0.53 2.31
N GLU B 68 13.28 1.82 2.06
CA GLU B 68 13.54 2.30 0.72
C GLU B 68 12.52 1.65 -0.18
N LEU B 69 11.28 1.64 0.30
CA LEU B 69 10.16 1.12 -0.47
C LEU B 69 9.10 2.18 -0.75
N SER B 70 8.12 1.77 -1.55
CA SER B 70 6.97 2.59 -1.87
C SER B 70 5.83 1.67 -2.24
N MET B 71 4.61 2.18 -2.21
CA MET B 71 3.44 1.38 -2.55
C MET B 71 2.65 1.92 -3.73
N THR B 72 1.83 1.05 -4.31
CA THR B 72 0.95 1.46 -5.40
C THR B 72 -0.37 0.71 -5.41
N LEU B 73 -1.43 1.40 -5.78
CA LEU B 73 -2.72 0.79 -5.92
C LEU B 73 -2.77 0.07 -7.27
N CYS B 74 -3.66 -0.90 -7.40
CA CYS B 74 -3.96 -1.50 -8.68
C CYS B 74 -5.30 -2.21 -8.59
N ASP B 75 -5.85 -2.58 -9.74
CA ASP B 75 -7.08 -3.36 -9.76
C ASP B 75 -6.81 -4.78 -9.31
N THR B 76 -7.74 -5.34 -8.55
CA THR B 76 -7.66 -6.73 -8.12
C THR B 76 -7.98 -7.69 -9.26
N LYS B 77 -8.18 -7.16 -10.46
CA LYS B 77 -8.59 -7.94 -11.64
C LYS B 77 -10.00 -8.51 -11.47
N PRO D 10 -14.16 35.92 -17.93
CA PRO D 10 -13.62 34.83 -18.75
C PRO D 10 -12.74 33.88 -17.95
N LYS D 11 -12.88 32.58 -18.16
CA LYS D 11 -12.04 31.65 -17.39
C LYS D 11 -10.60 31.72 -17.86
N LEU D 12 -9.67 31.36 -16.98
CA LEU D 12 -8.28 31.10 -17.34
C LEU D 12 -8.03 29.60 -17.48
N VAL D 13 -7.62 29.16 -18.67
CA VAL D 13 -7.19 27.78 -18.86
C VAL D 13 -5.78 27.62 -18.30
N THR D 14 -5.58 26.66 -17.41
CA THR D 14 -4.26 26.43 -16.81
C THR D 14 -3.45 25.44 -17.64
N TRP D 15 -2.32 25.89 -18.17
CA TRP D 15 -1.41 25.02 -18.91
C TRP D 15 -0.15 24.73 -18.12
N MET D 16 0.44 23.55 -18.40
CA MET D 16 1.68 23.08 -17.79
C MET D 16 2.53 22.38 -18.85
N ASN D 17 3.50 23.09 -19.41
CA ASN D 17 4.32 22.56 -20.50
C ASN D 17 3.49 22.11 -21.69
N ASN D 18 2.51 22.92 -22.05
CA ASN D 18 1.65 22.65 -23.21
C ASN D 18 0.69 21.48 -23.02
N GLN D 19 0.25 21.26 -21.78
CA GLN D 19 -0.76 20.25 -21.44
C GLN D 19 -1.90 20.82 -20.62
N ARG D 20 -3.12 20.74 -21.13
CA ARG D 20 -4.30 21.29 -20.44
C ARG D 20 -4.61 20.62 -19.11
N VAL D 21 -4.36 21.34 -18.02
CA VAL D 21 -4.59 20.78 -16.70
C VAL D 21 -6.03 21.03 -16.24
N GLY D 22 -6.52 22.25 -16.48
CA GLY D 22 -7.84 22.62 -16.04
C GLY D 22 -8.14 24.09 -16.30
N GLU D 23 -9.08 24.65 -15.54
CA GLU D 23 -9.55 26.02 -15.76
C GLU D 23 -9.86 26.76 -14.47
N LEU D 24 -9.37 27.98 -14.37
CA LEU D 24 -9.68 28.83 -13.23
C LEU D 24 -10.93 29.63 -13.57
N THR D 25 -11.93 29.60 -12.68
CA THR D 25 -13.15 30.36 -12.93
C THR D 25 -13.44 31.39 -11.84
N LYS D 26 -13.62 32.64 -12.25
CA LYS D 26 -14.01 33.68 -11.30
C LYS D 26 -15.47 34.03 -11.44
N LEU D 27 -16.25 33.56 -10.46
CA LEU D 27 -17.68 33.65 -10.52
C LEU D 27 -18.08 35.08 -10.24
N ALA D 28 -19.35 35.39 -10.45
CA ALA D 28 -19.93 36.68 -10.07
C ALA D 28 -19.42 37.02 -8.68
N ASN D 29 -20.23 36.63 -7.68
CA ASN D 29 -19.96 36.70 -6.25
C ASN D 29 -18.49 36.80 -5.87
N GLY D 30 -17.64 36.69 -6.88
CA GLY D 30 -16.23 36.88 -6.74
C GLY D 30 -15.58 35.64 -6.17
N ALA D 31 -16.15 34.49 -6.49
CA ALA D 31 -15.72 33.21 -5.92
C ALA D 31 -14.80 32.43 -6.85
N HIS D 32 -13.52 32.34 -6.51
CA HIS D 32 -12.61 31.58 -7.35
C HIS D 32 -12.85 30.08 -7.26
N THR D 33 -12.75 29.41 -8.41
CA THR D 33 -13.04 27.98 -8.53
C THR D 33 -12.17 27.29 -9.59
N PHE D 34 -11.89 26.00 -9.36
CA PHE D 34 -11.02 25.23 -10.27
C PHE D 34 -11.52 23.80 -10.49
N LYS D 35 -11.46 23.37 -11.74
CA LYS D 35 -11.94 22.07 -12.13
C LYS D 35 -10.89 21.48 -13.03
N TYR D 36 -10.41 20.31 -12.65
CA TYR D 36 -9.41 19.64 -13.45
C TYR D 36 -10.04 19.13 -14.76
N ALA D 37 -9.31 19.32 -15.86
CA ALA D 37 -9.72 18.78 -17.14
C ALA D 37 -9.73 17.26 -17.04
N PRO D 38 -10.85 16.60 -17.37
CA PRO D 38 -10.87 15.12 -17.33
C PRO D 38 -9.67 14.47 -18.04
N GLU D 39 -9.33 14.96 -19.24
CA GLU D 39 -8.15 14.51 -20.00
C GLU D 39 -6.83 14.50 -19.20
N TRP D 40 -6.70 15.45 -18.26
CA TRP D 40 -5.54 15.56 -17.39
C TRP D 40 -5.66 14.59 -16.24
N LEU D 41 -6.88 14.40 -15.76
CA LEU D 41 -7.09 13.44 -14.70
C LEU D 41 -6.73 12.05 -15.22
N ALA D 42 -6.66 11.90 -16.53
CA ALA D 42 -6.29 10.59 -17.11
C ALA D 42 -4.89 10.53 -17.73
N SER D 43 -4.23 11.69 -17.81
CA SER D 43 -2.92 11.83 -18.47
C SER D 43 -1.78 11.04 -17.80
N ARG D 44 -0.72 10.76 -18.56
CA ARG D 44 0.49 10.15 -18.03
C ARG D 44 1.09 11.07 -16.98
N TYR D 45 1.06 12.37 -17.30
CA TYR D 45 1.70 13.40 -16.50
C TYR D 45 0.79 13.89 -15.37
N ALA D 46 -0.29 13.17 -15.12
CA ALA D 46 -1.30 13.61 -14.15
C ALA D 46 -0.78 13.83 -12.74
N ARG D 47 -0.95 15.06 -12.25
CA ARG D 47 -0.51 15.45 -10.90
C ARG D 47 -1.25 16.70 -10.47
N PRO D 48 -1.49 16.86 -9.15
CA PRO D 48 -2.22 18.06 -8.73
C PRO D 48 -1.42 19.31 -9.07
N LEU D 49 -2.12 20.42 -9.22
CA LEU D 49 -1.51 21.71 -9.49
C LEU D 49 -0.79 22.11 -8.23
N SER D 50 -1.44 21.80 -7.11
CA SER D 50 -0.85 21.99 -5.82
C SER D 50 -1.38 20.94 -4.87
N LEU D 51 -0.52 20.55 -3.93
CA LEU D 51 -0.85 19.52 -2.97
C LEU D 51 -2.05 19.93 -2.12
N SER D 52 -2.37 21.22 -2.12
CA SER D 52 -3.55 21.72 -1.42
C SER D 52 -4.79 21.55 -2.29
N LEU D 53 -4.57 21.12 -3.53
CA LEU D 53 -5.63 20.94 -4.49
C LEU D 53 -5.55 19.54 -5.14
N PRO D 54 -5.93 18.49 -4.40
CA PRO D 54 -5.78 17.09 -4.80
C PRO D 54 -6.66 16.70 -6.00
N LEU D 55 -6.07 16.14 -7.05
CA LEU D 55 -6.87 15.72 -8.20
C LEU D 55 -8.18 15.15 -7.72
N GLN D 56 -9.26 15.64 -8.32
CA GLN D 56 -10.60 15.11 -8.13
C GLN D 56 -11.44 15.55 -9.30
N ARG D 57 -12.74 15.30 -9.25
CA ARG D 57 -13.63 15.53 -10.41
C ARG D 57 -14.38 16.88 -10.46
N GLY D 58 -14.94 17.31 -9.33
CA GLY D 58 -15.81 18.46 -9.33
C GLY D 58 -15.12 19.81 -9.39
N ASN D 59 -15.89 20.84 -9.09
CA ASN D 59 -15.28 22.15 -8.96
C ASN D 59 -14.72 22.23 -7.56
N ILE D 60 -13.47 22.67 -7.47
CA ILE D 60 -12.83 22.87 -6.19
C ILE D 60 -13.18 24.27 -5.74
N THR D 61 -13.65 24.36 -4.50
CA THR D 61 -14.17 25.64 -4.04
C THR D 61 -13.46 26.21 -2.81
N SER D 62 -12.75 25.37 -2.08
CA SER D 62 -12.01 25.80 -0.90
C SER D 62 -11.05 26.95 -1.14
N ASP D 63 -10.71 27.63 -0.06
CA ASP D 63 -9.78 28.75 -0.07
C ASP D 63 -8.40 28.36 -0.60
N ALA D 64 -8.17 27.07 -0.77
CA ALA D 64 -6.89 26.62 -1.27
C ALA D 64 -6.70 27.05 -2.72
N VAL D 65 -7.80 27.14 -3.46
CA VAL D 65 -7.79 27.59 -4.85
C VAL D 65 -7.34 29.06 -5.03
N PHE D 66 -7.91 29.97 -4.23
CA PHE D 66 -7.52 31.39 -4.22
C PHE D 66 -6.08 31.56 -3.75
N ASN D 67 -5.79 31.04 -2.57
CA ASN D 67 -4.47 31.17 -1.95
C ASN D 67 -3.37 30.63 -2.82
N PHE D 68 -3.64 29.52 -3.53
CA PHE D 68 -2.61 28.96 -4.39
C PHE D 68 -2.23 29.95 -5.47
N PHE D 69 -3.22 30.35 -6.27
CA PHE D 69 -2.97 31.22 -7.40
C PHE D 69 -2.47 32.55 -6.92
N ASP D 70 -2.99 32.99 -5.78
CA ASP D 70 -2.55 34.20 -5.13
C ASP D 70 -1.04 34.17 -4.88
N ASN D 71 -0.56 33.01 -4.46
CA ASN D 71 0.85 32.82 -4.12
C ASN D 71 1.79 32.79 -5.32
N LEU D 72 1.25 33.00 -6.51
CA LEU D 72 2.08 33.13 -7.71
C LEU D 72 2.57 34.56 -7.91
N LEU D 73 1.81 35.53 -7.42
CA LEU D 73 2.13 36.96 -7.53
C LEU D 73 3.01 37.43 -6.36
N PRO D 74 3.75 38.54 -6.54
CA PRO D 74 4.57 39.16 -5.49
C PRO D 74 3.76 39.57 -4.28
N ASP D 75 4.43 39.65 -3.13
CA ASP D 75 3.75 39.94 -1.87
C ASP D 75 3.45 41.41 -1.68
N SER D 76 4.46 42.25 -1.76
CA SER D 76 4.21 43.67 -1.62
C SER D 76 3.10 44.04 -2.59
N PRO D 77 1.93 44.43 -2.10
CA PRO D 77 0.89 44.70 -3.11
C PRO D 77 0.90 46.14 -3.61
N ILE D 78 1.86 46.97 -3.19
CA ILE D 78 2.31 48.09 -4.03
C ILE D 78 2.94 47.71 -5.40
N VAL D 79 3.75 46.64 -5.39
CA VAL D 79 4.31 45.99 -6.58
C VAL D 79 3.18 45.44 -7.45
N ARG D 80 2.07 45.14 -6.81
CA ARG D 80 0.88 44.72 -7.55
C ARG D 80 0.25 45.86 -8.33
N ASP D 81 0.29 47.06 -7.76
CA ASP D 81 -0.17 48.27 -8.45
C ASP D 81 0.75 48.61 -9.64
N ARG D 82 2.07 48.42 -9.44
CA ARG D 82 3.05 48.55 -10.52
C ARG D 82 2.70 47.65 -11.72
N ILE D 83 2.03 46.53 -11.47
CA ILE D 83 1.59 45.60 -12.52
C ILE D 83 0.23 45.99 -13.09
N VAL D 84 -0.71 46.37 -12.22
CA VAL D 84 -2.01 46.88 -12.64
C VAL D 84 -1.83 48.15 -13.49
N LYS D 85 -0.68 48.80 -13.34
CA LYS D 85 -0.35 50.00 -14.11
C LYS D 85 0.28 49.68 -15.46
N ARG D 86 1.28 48.78 -15.44
CA ARG D 86 1.99 48.37 -16.65
C ARG D 86 1.08 47.70 -17.66
N TYR D 87 0.55 46.53 -17.32
CA TYR D 87 -0.36 45.80 -18.19
C TYR D 87 -1.82 46.05 -17.85
N HIS D 88 -2.22 47.33 -17.80
CA HIS D 88 -3.59 47.71 -17.46
C HIS D 88 -4.48 46.54 -16.96
N ALA D 89 -4.36 46.18 -15.67
CA ALA D 89 -5.20 45.14 -15.07
C ALA D 89 -6.60 45.66 -14.68
N LYS D 90 -7.59 44.77 -14.69
CA LYS D 90 -8.98 45.14 -14.36
C LYS D 90 -9.16 45.33 -12.87
N SER D 91 -8.07 45.13 -12.12
CA SER D 91 -8.11 45.12 -10.67
C SER D 91 -6.74 44.71 -10.15
N ARG D 92 -6.56 44.76 -8.83
CA ARG D 92 -5.40 44.14 -8.21
C ARG D 92 -5.71 42.72 -7.71
N GLN D 93 -6.93 42.27 -8.00
CA GLN D 93 -7.34 40.87 -7.82
C GLN D 93 -6.39 39.85 -8.48
N PRO D 94 -6.09 38.72 -7.79
CA PRO D 94 -5.24 37.65 -8.33
C PRO D 94 -5.62 37.20 -9.74
N PHE D 95 -6.92 36.97 -9.96
CA PHE D 95 -7.44 36.55 -11.27
C PHE D 95 -7.18 37.57 -12.38
N ASP D 96 -7.47 38.84 -12.12
CA ASP D 96 -7.31 39.92 -13.10
C ASP D 96 -5.85 40.20 -13.47
N LEU D 97 -4.98 40.16 -12.45
CA LEU D 97 -3.55 40.33 -12.66
C LEU D 97 -3.00 39.16 -13.47
N LEU D 98 -3.28 37.94 -13.03
CA LEU D 98 -2.78 36.73 -13.67
C LEU D 98 -3.21 36.62 -15.15
N SER D 99 -4.29 37.31 -15.50
CA SER D 99 -4.80 37.32 -16.87
C SER D 99 -3.94 38.19 -17.76
N GLU D 100 -2.97 38.86 -17.16
CA GLU D 100 -2.04 39.72 -17.88
C GLU D 100 -0.63 39.14 -17.95
N ILE D 101 -0.04 38.83 -16.80
CA ILE D 101 1.32 38.29 -16.78
C ILE D 101 1.33 36.79 -16.56
N GLY D 102 0.23 36.15 -16.92
CA GLY D 102 0.03 34.75 -16.61
C GLY D 102 1.09 33.83 -17.19
N ARG D 103 1.73 34.29 -18.25
CA ARG D 103 2.62 33.43 -19.04
C ARG D 103 3.72 32.73 -18.22
N ASP D 104 4.84 33.40 -17.99
CA ASP D 104 5.93 32.82 -17.22
C ASP D 104 5.75 33.07 -15.71
N SER D 105 4.96 32.24 -15.04
CA SER D 105 4.83 32.30 -13.57
C SER D 105 5.77 31.30 -12.91
N VAL D 106 6.06 31.50 -11.62
CA VAL D 106 6.86 30.56 -10.84
C VAL D 106 6.23 29.19 -10.96
N GLY D 107 6.95 28.15 -10.55
CA GLY D 107 6.46 26.79 -10.68
C GLY D 107 6.48 26.36 -12.14
N ALA D 108 5.32 25.98 -12.66
CA ALA D 108 5.24 25.53 -14.05
C ALA D 108 3.88 25.80 -14.67
N VAL D 109 3.08 26.60 -14.00
CA VAL D 109 1.74 26.91 -14.49
C VAL D 109 1.76 28.02 -15.51
N THR D 110 0.96 27.87 -16.57
CA THR D 110 0.83 28.88 -17.61
C THR D 110 -0.62 29.23 -17.79
N LEU D 111 -1.03 30.33 -17.16
CA LEU D 111 -2.41 30.76 -17.18
C LEU D 111 -2.69 31.59 -18.41
N ILE D 112 -3.51 31.04 -19.30
CA ILE D 112 -3.87 31.79 -20.49
C ILE D 112 -5.38 31.88 -20.61
N PRO D 113 -5.93 33.11 -20.70
CA PRO D 113 -7.39 33.26 -20.73
C PRO D 113 -8.10 32.11 -21.45
N GLU D 114 -9.33 31.81 -21.07
CA GLU D 114 -10.04 30.73 -21.73
C GLU D 114 -10.25 31.27 -23.04
N ASP D 115 -10.78 32.49 -23.20
CA ASP D 115 -10.71 32.86 -24.60
C ASP D 115 -9.33 32.13 -25.14
N GLU D 116 -8.28 32.65 -24.54
CA GLU D 116 -6.82 32.61 -24.82
C GLU D 116 -6.22 31.34 -25.21
N THR D 117 -6.71 30.80 -26.27
CA THR D 117 -5.67 29.96 -26.89
C THR D 117 -4.32 30.95 -27.51
N VAL D 118 -4.27 31.60 -28.67
CA VAL D 118 -2.90 32.32 -28.81
C VAL D 118 -1.42 31.72 -29.35
N THR D 119 -1.34 30.79 -30.32
CA THR D 119 -0.11 29.99 -30.29
C THR D 119 1.01 31.01 -30.09
N HIS D 120 1.43 31.22 -28.84
CA HIS D 120 2.46 32.18 -28.49
C HIS D 120 3.74 31.42 -28.72
N PRO D 121 4.75 32.08 -29.30
CA PRO D 121 6.04 31.52 -29.71
C PRO D 121 6.56 30.49 -28.68
N ILE D 122 6.40 29.18 -28.95
CA ILE D 122 6.88 28.15 -28.02
C ILE D 122 8.37 28.39 -27.63
N MET D 123 9.16 28.91 -28.57
CA MET D 123 10.59 29.14 -28.34
C MET D 123 11.15 30.38 -29.06
N ALA D 124 11.03 31.55 -28.43
CA ALA D 124 11.45 32.81 -29.05
C ALA D 124 12.11 33.75 -28.05
N TRP D 125 13.10 34.50 -28.51
CA TRP D 125 13.83 35.33 -27.58
C TRP D 125 14.60 36.43 -28.26
N GLU D 126 14.76 37.53 -27.56
CA GLU D 126 15.43 38.71 -28.11
C GLU D 126 16.79 38.89 -27.41
N LYS D 127 17.87 38.59 -28.12
CA LYS D 127 19.22 38.79 -27.61
C LYS D 127 19.45 40.24 -27.24
N LEU D 128 19.43 40.54 -25.94
CA LEU D 128 19.59 41.93 -25.47
C LEU D 128 21.02 42.46 -25.62
N THR D 129 21.16 43.78 -25.60
CA THR D 129 22.47 44.40 -25.67
C THR D 129 22.98 44.62 -24.25
N GLU D 130 24.15 45.24 -24.12
CA GLU D 130 24.64 45.58 -22.79
C GLU D 130 23.82 46.75 -22.23
N ALA D 131 23.21 47.52 -23.13
CA ALA D 131 22.45 48.73 -22.79
C ALA D 131 20.96 48.49 -22.54
N ARG D 132 20.39 47.57 -23.31
CA ARG D 132 19.03 47.06 -23.09
C ARG D 132 18.92 46.32 -21.76
N LEU D 133 19.94 45.51 -21.47
CA LEU D 133 20.09 44.88 -20.16
C LEU D 133 20.15 45.90 -19.02
N GLU D 134 21.09 46.85 -19.13
CA GLU D 134 21.21 48.00 -18.21
C GLU D 134 19.89 48.79 -18.09
N GLU D 135 19.04 48.66 -19.10
CA GLU D 135 17.72 49.26 -19.08
C GLU D 135 16.78 48.40 -18.26
N VAL D 136 16.75 47.11 -18.60
CA VAL D 136 15.85 46.18 -17.92
C VAL D 136 16.19 46.08 -16.44
N LEU D 137 17.47 45.89 -16.13
CA LEU D 137 17.91 45.74 -14.74
C LEU D 137 17.52 46.97 -13.91
N THR D 138 17.91 48.14 -14.38
CA THR D 138 17.66 49.37 -13.67
C THR D 138 16.17 49.66 -13.63
N ALA D 139 15.45 49.13 -14.62
CA ALA D 139 14.01 49.38 -14.79
C ALA D 139 13.19 49.12 -13.53
N TYR D 140 13.23 47.88 -13.06
CA TYR D 140 12.56 47.48 -11.82
C TYR D 140 13.14 48.14 -10.56
N LYS D 141 13.02 49.46 -10.48
CA LYS D 141 13.41 50.21 -9.29
C LYS D 141 12.59 51.48 -9.25
N ALA D 142 12.47 52.12 -10.40
CA ALA D 142 11.69 53.35 -10.54
C ALA D 142 10.38 53.06 -11.26
N ASP D 154 7.11 41.43 -25.67
CA ASP D 154 6.61 40.37 -24.81
C ASP D 154 7.46 40.12 -23.55
N PHE D 155 6.94 40.51 -22.40
CA PHE D 155 7.60 40.29 -21.09
C PHE D 155 6.54 39.88 -20.04
N ARG D 156 5.74 38.89 -20.40
CA ARG D 156 4.63 38.43 -19.55
C ARG D 156 5.08 37.35 -18.52
N ILE D 157 5.84 37.81 -17.51
CA ILE D 157 6.41 36.93 -16.48
C ILE D 157 5.83 37.23 -15.08
N SER D 158 6.12 36.34 -14.11
CA SER D 158 5.69 36.48 -12.72
C SER D 158 6.68 35.81 -11.74
N VAL D 159 7.31 36.64 -10.89
CA VAL D 159 8.22 36.16 -9.85
C VAL D 159 7.62 36.41 -8.45
N ALA D 160 7.59 35.37 -7.63
CA ALA D 160 7.08 35.48 -6.26
C ALA D 160 8.24 35.51 -5.26
N GLY D 161 8.17 36.44 -4.30
CA GLY D 161 9.19 36.55 -3.27
C GLY D 161 9.09 37.77 -2.37
N ALA D 162 10.10 37.95 -1.52
CA ALA D 162 10.18 39.08 -0.58
C ALA D 162 10.71 40.41 -1.17
N GLN D 163 11.66 40.34 -2.12
CA GLN D 163 12.17 41.57 -2.74
C GLN D 163 11.87 41.71 -4.24
N GLU D 164 12.06 42.91 -4.77
CA GLU D 164 11.80 43.20 -6.18
C GLU D 164 12.72 42.42 -7.12
N LYS D 165 12.13 41.59 -7.98
CA LYS D 165 12.92 40.77 -8.90
C LYS D 165 12.19 40.37 -10.19
N THR D 166 12.93 40.34 -11.29
CA THR D 166 12.43 39.92 -12.59
C THR D 166 13.12 38.62 -13.00
N ALA D 167 13.07 38.27 -14.29
CA ALA D 167 13.71 37.05 -14.77
C ALA D 167 14.10 37.07 -16.26
N LEU D 168 15.23 36.44 -16.59
CA LEU D 168 15.72 36.38 -17.97
C LEU D 168 16.11 35.01 -18.49
N LEU D 169 16.39 34.96 -19.79
CA LEU D 169 16.78 33.72 -20.47
C LEU D 169 18.18 33.79 -21.06
N ARG D 170 19.10 33.04 -20.48
CA ARG D 170 20.48 32.99 -20.97
C ARG D 170 20.66 31.84 -21.99
N ILE D 171 21.05 32.21 -23.21
CA ILE D 171 21.34 31.24 -24.27
C ILE D 171 22.65 31.61 -24.99
N GLY D 172 23.51 30.62 -25.23
CA GLY D 172 24.77 30.85 -25.92
C GLY D 172 25.77 31.65 -25.10
N ASN D 173 25.67 32.96 -25.18
CA ASN D 173 26.54 33.84 -24.40
C ASN D 173 25.86 35.16 -24.14
N ASP D 174 24.56 35.16 -24.40
CA ASP D 174 23.76 36.37 -24.38
C ASP D 174 22.61 36.26 -23.42
N TRP D 175 22.19 37.42 -22.93
CA TRP D 175 21.04 37.55 -22.07
C TRP D 175 19.89 38.09 -22.90
N CYS D 176 18.90 37.23 -23.12
CA CYS D 176 17.80 37.49 -24.03
C CYS D 176 16.51 37.59 -23.24
N ILE D 177 15.50 38.20 -23.84
CA ILE D 177 14.19 38.28 -23.21
C ILE D 177 13.22 37.36 -23.94
N PRO D 178 12.46 36.59 -23.16
CA PRO D 178 11.56 35.58 -23.70
C PRO D 178 10.45 36.24 -24.51
N LYS D 179 9.87 35.46 -25.42
CA LYS D 179 8.77 35.97 -26.23
C LYS D 179 7.66 34.93 -26.35
N GLY D 180 6.52 35.23 -25.74
CA GLY D 180 5.36 34.36 -25.72
C GLY D 180 5.27 33.57 -24.45
N ILE D 181 5.02 32.27 -24.60
CA ILE D 181 5.05 31.36 -23.46
C ILE D 181 6.48 30.83 -23.31
N THR D 182 7.46 31.55 -23.86
CA THR D 182 8.84 31.09 -23.76
C THR D 182 9.32 31.15 -22.31
N PRO D 183 9.94 30.06 -21.83
CA PRO D 183 10.40 30.06 -20.45
C PRO D 183 11.71 30.84 -20.23
N THR D 184 11.96 31.21 -18.96
CA THR D 184 13.20 31.84 -18.56
C THR D 184 14.17 30.84 -17.92
N THR D 185 15.48 31.12 -17.99
CA THR D 185 16.49 30.23 -17.39
C THR D 185 17.14 30.80 -16.14
N HIS D 186 16.93 32.08 -15.87
CA HIS D 186 17.55 32.69 -14.73
C HIS D 186 16.61 33.68 -14.03
N ILE D 187 16.63 33.66 -12.70
CA ILE D 187 15.89 34.63 -11.91
C ILE D 187 16.84 35.74 -11.55
N ILE D 188 16.67 36.91 -12.12
CA ILE D 188 17.59 38.02 -11.87
C ILE D 188 17.14 38.95 -10.73
N LYS D 189 18.07 39.26 -9.82
CA LYS D 189 17.73 40.11 -8.67
C LYS D 189 18.46 41.46 -8.68
N LEU D 190 17.71 42.52 -8.43
CA LEU D 190 18.26 43.88 -8.44
C LEU D 190 18.54 44.35 -7.02
N PRO D 191 19.57 45.20 -6.84
CA PRO D 191 19.86 45.74 -5.51
C PRO D 191 18.64 46.47 -4.94
N ILE D 192 18.19 46.06 -3.74
CA ILE D 192 17.04 46.66 -3.08
C ILE D 192 17.21 48.17 -2.93
N LEU D 204 19.28 46.79 3.45
CA LEU D 204 20.34 46.21 2.62
C LEU D 204 20.77 47.17 1.52
N SER D 205 22.07 47.30 1.34
CA SER D 205 22.61 48.18 0.31
C SER D 205 23.13 47.33 -0.84
N GLN D 206 23.63 46.15 -0.48
CA GLN D 206 24.20 45.23 -1.45
C GLN D 206 23.58 43.84 -1.34
N SER D 207 22.26 43.76 -1.42
CA SER D 207 21.55 42.49 -1.41
C SER D 207 22.05 41.54 -2.49
N VAL D 208 22.48 42.05 -3.63
CA VAL D 208 23.02 41.19 -4.69
C VAL D 208 24.35 40.57 -4.32
N ASP D 209 25.10 41.24 -3.47
CA ASP D 209 26.41 40.72 -3.09
C ASP D 209 26.30 39.79 -1.89
N ASN D 210 25.50 40.20 -0.92
CA ASN D 210 25.19 39.36 0.23
C ASN D 210 24.73 37.95 -0.16
N GLU D 211 23.75 37.85 -1.06
CA GLU D 211 23.23 36.53 -1.45
C GLU D 211 24.15 35.77 -2.40
N TYR D 212 25.05 36.47 -3.09
CA TYR D 212 25.95 35.79 -4.01
C TYR D 212 27.02 35.08 -3.22
N TYR D 213 27.30 35.64 -2.06
CA TYR D 213 28.17 35.01 -1.10
C TYR D 213 27.46 33.79 -0.51
N CYS D 214 26.46 34.02 0.32
CA CYS D 214 25.79 32.92 1.01
C CYS D 214 25.53 31.72 0.11
N LEU D 215 25.28 31.98 -1.16
CA LEU D 215 25.06 30.90 -2.12
C LEU D 215 26.34 30.14 -2.38
N LEU D 216 27.40 30.87 -2.73
CA LEU D 216 28.71 30.26 -2.94
C LEU D 216 29.14 29.43 -1.72
N LEU D 217 28.90 29.99 -0.54
CA LEU D 217 29.13 29.33 0.73
C LEU D 217 28.32 28.05 0.87
N ALA D 218 27.00 28.17 0.71
CA ALA D 218 26.09 27.04 0.83
C ALA D 218 26.44 25.87 -0.08
N LYS D 219 26.96 26.16 -1.27
CA LYS D 219 27.39 25.11 -2.20
C LYS D 219 28.64 24.39 -1.66
N GLU D 220 29.60 25.20 -1.21
CA GLU D 220 30.85 24.73 -0.62
C GLU D 220 30.63 23.82 0.58
N LEU D 221 29.52 24.00 1.27
CA LEU D 221 29.20 23.20 2.44
C LEU D 221 28.25 22.10 2.07
N GLY D 222 28.12 21.86 0.77
CA GLY D 222 27.41 20.70 0.29
C GLY D 222 25.92 20.85 0.23
N LEU D 223 25.39 21.93 0.81
CA LEU D 223 23.96 22.21 0.74
C LEU D 223 23.56 22.36 -0.72
N ASN D 224 22.39 21.85 -1.07
CA ASN D 224 21.96 21.87 -2.45
C ASN D 224 21.34 23.21 -2.83
N VAL D 225 22.09 24.00 -3.58
CA VAL D 225 21.64 25.31 -4.02
C VAL D 225 21.90 25.45 -5.52
N PRO D 226 21.29 26.47 -6.15
CA PRO D 226 21.48 26.77 -7.57
C PRO D 226 22.71 27.65 -7.81
N ASP D 227 23.38 27.44 -8.94
CA ASP D 227 24.56 28.23 -9.30
C ASP D 227 24.18 29.64 -9.71
N ALA D 228 24.57 30.64 -8.92
CA ALA D 228 24.32 32.03 -9.28
C ALA D 228 25.56 32.76 -9.78
N GLU D 229 25.37 33.72 -10.69
CA GLU D 229 26.45 34.59 -11.15
C GLU D 229 26.08 36.06 -11.02
N ILE D 230 27.08 36.92 -11.03
CA ILE D 230 26.84 38.37 -11.01
C ILE D 230 27.05 38.98 -12.39
N ILE D 231 26.00 39.60 -12.89
CA ILE D 231 26.04 40.28 -14.18
C ILE D 231 26.27 41.77 -13.93
N LYS D 232 27.10 42.40 -14.77
CA LYS D 232 27.36 43.84 -14.65
C LYS D 232 27.02 44.60 -15.91
N ALA D 233 26.04 45.48 -15.81
CA ALA D 233 25.57 46.25 -16.95
C ALA D 233 25.86 47.72 -16.73
N GLY D 234 26.95 48.20 -17.30
CA GLY D 234 27.32 49.60 -17.14
C GLY D 234 27.50 49.98 -15.68
N ASN D 235 26.48 50.59 -15.10
CA ASN D 235 26.52 50.98 -13.69
C ASN D 235 25.80 49.99 -12.79
N VAL D 236 24.66 49.49 -13.24
CA VAL D 236 23.87 48.59 -12.43
C VAL D 236 24.62 47.28 -12.18
N ARG D 237 24.32 46.68 -11.04
CA ARG D 237 24.93 45.43 -10.66
C ARG D 237 23.80 44.54 -10.22
N ALA D 238 23.66 43.39 -10.88
CA ALA D 238 22.51 42.51 -10.62
C ALA D 238 22.89 41.04 -10.43
N LEU D 239 22.04 40.30 -9.73
CA LEU D 239 22.29 38.88 -9.47
C LEU D 239 21.52 38.00 -10.46
N ALA D 240 22.21 36.95 -10.92
CA ALA D 240 21.65 36.01 -11.88
C ALA D 240 21.68 34.57 -11.37
N VAL D 241 20.58 34.13 -10.78
CA VAL D 241 20.42 32.77 -10.28
C VAL D 241 19.84 31.83 -11.35
N GLU D 242 20.54 30.72 -11.60
CA GLU D 242 20.09 29.66 -12.50
C GLU D 242 18.85 29.00 -11.89
N ARG D 243 17.78 28.89 -12.68
CA ARG D 243 16.52 28.33 -12.18
C ARG D 243 16.53 26.80 -12.17
N PHE D 244 16.13 26.22 -11.04
CA PHE D 244 16.11 24.79 -10.95
C PHE D 244 14.74 24.25 -11.31
N ASP D 245 13.81 25.13 -11.65
CA ASP D 245 12.50 24.69 -12.08
C ASP D 245 12.41 24.84 -13.58
N ARG D 246 13.54 24.74 -14.26
CA ARG D 246 13.56 24.92 -15.69
C ARG D 246 14.59 23.98 -16.24
N ARG D 247 14.27 23.30 -17.33
CA ARG D 247 15.16 22.29 -17.87
C ARG D 247 14.97 22.05 -19.36
N TRP D 248 16.08 21.90 -20.08
CA TRP D 248 15.99 21.67 -21.52
C TRP D 248 15.65 20.23 -21.79
N ASN D 249 14.73 20.03 -22.73
CA ASN D 249 14.39 18.68 -23.16
C ASN D 249 15.64 18.00 -23.71
N ALA D 250 15.60 16.68 -23.83
CA ALA D 250 16.67 15.90 -24.43
C ALA D 250 17.20 16.53 -25.73
N GLU D 251 16.26 16.85 -26.63
CA GLU D 251 16.59 17.42 -27.96
C GLU D 251 17.16 18.83 -27.91
N ARG D 252 17.13 19.44 -26.72
CA ARG D 252 17.57 20.82 -26.57
C ARG D 252 16.73 21.70 -27.47
N THR D 253 15.53 21.23 -27.79
CA THR D 253 14.63 21.95 -28.69
C THR D 253 13.49 22.69 -27.96
N VAL D 254 13.30 22.36 -26.68
CA VAL D 254 12.24 22.97 -25.87
C VAL D 254 12.67 23.08 -24.41
N LEU D 255 12.40 24.23 -23.82
CA LEU D 255 12.71 24.41 -22.41
C LEU D 255 11.46 24.10 -21.64
N LEU D 256 11.61 23.26 -20.63
CA LEU D 256 10.48 22.76 -19.89
C LEU D 256 10.36 23.41 -18.53
N ARG D 257 9.13 23.62 -18.10
CA ARG D 257 8.85 24.12 -16.76
C ARG D 257 8.61 22.95 -15.81
N LEU D 258 9.37 22.91 -14.73
CA LEU D 258 9.19 21.90 -13.71
C LEU D 258 8.20 22.40 -12.65
N PRO D 259 7.01 21.77 -12.58
CA PRO D 259 5.98 22.11 -11.61
C PRO D 259 6.59 22.24 -10.25
N GLN D 260 6.23 23.25 -9.48
CA GLN D 260 6.65 23.29 -8.09
C GLN D 260 5.77 24.24 -7.33
N GLU D 261 5.96 24.27 -6.02
CA GLU D 261 5.19 25.14 -5.17
C GLU D 261 5.87 25.22 -3.82
N ASP D 262 5.69 26.33 -3.14
CA ASP D 262 6.35 26.56 -1.86
C ASP D 262 5.51 25.98 -0.74
N MET D 263 5.94 26.22 0.48
CA MET D 263 5.32 25.64 1.67
C MET D 263 4.03 26.33 2.12
N CYS D 264 3.72 27.48 1.53
CA CYS D 264 2.46 28.14 1.79
C CYS D 264 1.41 27.45 0.94
N GLN D 265 1.73 27.25 -0.34
CA GLN D 265 0.83 26.61 -1.27
C GLN D 265 0.56 25.15 -0.88
N THR D 266 1.62 24.42 -0.58
CA THR D 266 1.48 23.04 -0.14
C THR D 266 0.41 22.88 0.94
N PHE D 267 0.41 23.80 1.91
CA PHE D 267 -0.55 23.74 3.01
C PHE D 267 -1.71 24.65 2.72
N GLY D 268 -1.77 25.09 1.47
CA GLY D 268 -2.82 26.00 1.06
C GLY D 268 -3.00 27.12 2.06
N LEU D 269 -1.92 27.84 2.36
CA LEU D 269 -1.98 29.04 3.19
C LEU D 269 -1.78 30.30 2.35
N PRO D 270 -2.26 31.45 2.84
CA PRO D 270 -2.04 32.74 2.17
C PRO D 270 -0.63 33.26 2.45
N SER D 271 -0.02 33.91 1.45
CA SER D 271 1.33 34.45 1.61
C SER D 271 1.50 35.34 2.84
N SER D 272 0.39 35.87 3.36
CA SER D 272 0.42 36.73 4.53
C SER D 272 0.89 36.00 5.81
N VAL D 273 1.01 34.68 5.74
CA VAL D 273 1.43 33.95 6.92
C VAL D 273 2.72 33.17 6.66
N LYS D 274 3.53 33.63 5.72
CA LYS D 274 4.74 32.88 5.36
C LYS D 274 5.65 32.67 6.56
N TYR D 275 5.65 33.63 7.48
CA TYR D 275 6.45 33.56 8.69
C TYR D 275 5.72 32.77 9.77
N GLU D 276 6.46 31.96 10.52
CA GLU D 276 5.90 31.13 11.59
C GLU D 276 5.30 32.01 12.68
N SER D 277 5.89 33.18 12.88
CA SER D 277 5.43 34.06 13.93
C SER D 277 4.09 34.69 13.57
N ASP D 278 3.62 34.45 12.33
CA ASP D 278 2.34 34.99 11.87
C ASP D 278 1.31 33.87 11.65
N GLY D 279 1.75 32.63 11.85
CA GLY D 279 0.88 31.45 11.75
C GLY D 279 1.42 30.41 10.78
N GLY D 280 2.54 30.75 10.15
CA GLY D 280 3.11 29.94 9.11
C GLY D 280 3.69 28.67 9.66
N PRO D 281 4.00 27.74 8.76
CA PRO D 281 4.49 26.42 9.14
C PRO D 281 5.89 26.55 9.74
N GLY D 282 6.23 25.65 10.66
CA GLY D 282 7.53 25.65 11.29
C GLY D 282 8.26 24.38 10.99
N ILE D 283 9.23 24.04 11.83
CA ILE D 283 9.99 22.83 11.59
C ILE D 283 9.06 21.62 11.64
N ALA D 284 8.39 21.41 12.77
CA ALA D 284 7.55 20.23 12.95
C ALA D 284 6.71 20.00 11.71
N ARG D 285 5.87 20.99 11.40
CA ARG D 285 5.01 20.94 10.24
C ARG D 285 5.74 20.49 8.97
N ILE D 286 6.87 21.14 8.67
CA ILE D 286 7.62 20.83 7.47
C ILE D 286 8.20 19.42 7.55
N MET D 287 8.75 19.07 8.70
CA MET D 287 9.39 17.76 8.84
C MET D 287 8.35 16.63 8.67
N ALA D 288 7.21 16.70 9.35
CA ALA D 288 6.16 15.70 9.15
C ALA D 288 5.80 15.56 7.66
N PHE D 289 5.57 16.69 7.01
CA PHE D 289 5.27 16.71 5.58
C PHE D 289 6.35 16.01 4.77
N LEU D 290 7.61 16.30 5.08
CA LEU D 290 8.69 15.77 4.29
C LEU D 290 8.70 14.25 4.39
N MET D 291 8.11 13.72 5.47
CA MET D 291 8.06 12.27 5.64
C MET D 291 7.37 11.68 4.43
N GLY D 292 6.57 12.48 3.74
CA GLY D 292 5.88 12.00 2.56
C GLY D 292 6.67 12.21 1.30
N SER D 293 7.96 12.52 1.41
CA SER D 293 8.73 12.78 0.20
C SER D 293 9.23 11.50 -0.46
N SER D 294 9.58 11.60 -1.73
CA SER D 294 10.20 10.48 -2.43
C SER D 294 11.50 10.17 -1.72
N GLU D 295 12.25 11.22 -1.36
CA GLU D 295 13.53 11.08 -0.70
C GLU D 295 13.44 11.52 0.74
N ALA D 296 12.46 10.96 1.44
CA ALA D 296 12.07 11.46 2.76
C ALA D 296 13.24 11.63 3.71
N LEU D 297 13.92 10.53 3.98
CA LEU D 297 15.04 10.54 4.93
C LEU D 297 16.12 11.56 4.54
N LYS D 298 16.37 11.72 3.24
CA LYS D 298 17.43 12.62 2.77
C LYS D 298 17.02 14.05 2.92
N ASP D 299 15.81 14.32 2.48
CA ASP D 299 15.28 15.64 2.66
C ASP D 299 15.29 15.97 4.14
N ARG D 300 14.56 15.21 4.95
CA ARG D 300 14.51 15.51 6.38
C ARG D 300 15.87 15.98 6.86
N TYR D 301 16.89 15.16 6.60
CA TYR D 301 18.26 15.53 6.94
C TYR D 301 18.55 16.91 6.32
N ASP D 302 18.57 17.00 5.00
CA ASP D 302 18.92 18.26 4.36
C ASP D 302 18.23 19.43 5.05
N PHE D 303 16.96 19.25 5.37
CA PHE D 303 16.19 20.32 5.99
C PHE D 303 16.82 20.68 7.31
N MET D 304 16.85 19.77 8.26
CA MET D 304 17.38 20.16 9.54
C MET D 304 18.71 20.88 9.32
N LYS D 305 19.53 20.34 8.42
CA LYS D 305 20.90 20.83 8.22
C LYS D 305 20.90 22.30 7.85
N PHE D 306 20.02 22.63 6.91
CA PHE D 306 19.84 23.98 6.50
C PHE D 306 19.52 24.86 7.72
N GLN D 307 18.77 24.32 8.68
CA GLN D 307 18.33 25.11 9.82
C GLN D 307 19.53 25.52 10.65
N VAL D 308 20.60 24.75 10.55
CA VAL D 308 21.82 25.11 11.22
C VAL D 308 22.59 26.08 10.36
N PHE D 309 22.59 25.84 9.06
CA PHE D 309 23.29 26.74 8.16
C PHE D 309 22.77 28.16 8.33
N GLN D 310 21.44 28.27 8.32
CA GLN D 310 20.80 29.55 8.50
C GLN D 310 21.26 30.19 9.79
N TRP D 311 21.52 29.37 10.78
CA TRP D 311 21.91 29.91 12.07
C TRP D 311 23.29 30.50 11.95
N LEU D 312 24.18 29.71 11.34
CA LEU D 312 25.59 30.10 11.19
C LEU D 312 25.85 31.38 10.39
N ILE D 313 25.10 31.59 9.32
CA ILE D 313 25.30 32.79 8.52
C ILE D 313 24.25 33.87 8.83
N GLY D 314 23.62 33.75 10.00
CA GLY D 314 22.60 34.68 10.41
C GLY D 314 21.62 35.05 9.32
N ALA D 315 20.91 34.05 8.79
CA ALA D 315 19.80 34.29 7.86
C ALA D 315 18.48 34.13 8.59
N THR D 316 17.59 35.11 8.39
CA THR D 316 16.35 35.20 9.13
C THR D 316 15.19 35.27 8.14
N GLN D 317 15.50 34.93 6.90
CA GLN D 317 14.54 34.92 5.81
C GLN D 317 14.05 33.51 5.53
N GLY D 318 14.07 32.66 6.56
CA GLY D 318 13.71 31.26 6.40
C GLY D 318 12.24 30.97 6.58
N HIS D 319 11.41 31.57 5.72
CA HIS D 319 9.95 31.46 5.85
C HIS D 319 9.34 30.46 4.89
N ALA D 320 8.10 30.10 5.16
CA ALA D 320 7.45 29.02 4.46
C ALA D 320 7.56 29.18 2.95
N LYS D 321 7.64 30.42 2.48
CA LYS D 321 7.68 30.65 1.04
C LYS D 321 9.08 30.48 0.47
N ASN D 322 10.04 30.17 1.33
CA ASN D 322 11.41 29.96 0.86
C ASN D 322 11.85 28.50 0.75
N PHE D 323 10.93 27.58 0.98
CA PHE D 323 11.21 26.16 0.83
C PHE D 323 10.21 25.62 -0.18
N SER D 324 10.69 24.83 -1.15
CA SER D 324 9.80 24.33 -2.20
C SER D 324 9.88 22.83 -2.42
N VAL D 325 8.78 22.23 -2.84
CA VAL D 325 8.82 20.84 -3.24
C VAL D 325 8.52 20.78 -4.73
N PHE D 326 9.25 19.94 -5.46
CA PHE D 326 8.88 19.57 -6.83
C PHE D 326 7.66 18.66 -6.79
N ILE D 327 6.72 18.86 -7.71
CA ILE D 327 5.59 17.94 -7.83
C ILE D 327 5.81 16.97 -9.00
N GLN D 328 5.79 15.68 -8.67
CA GLN D 328 6.11 14.61 -9.62
C GLN D 328 4.89 13.75 -10.01
N ALA D 329 4.89 13.24 -11.24
CA ALA D 329 3.74 12.52 -11.74
C ALA D 329 3.10 11.71 -10.63
N GLY D 330 1.79 11.83 -10.49
CA GLY D 330 1.08 11.00 -9.53
C GLY D 330 0.85 11.64 -8.18
N GLY D 331 1.65 12.63 -7.83
CA GLY D 331 1.43 13.34 -6.59
C GLY D 331 2.62 13.25 -5.67
N SER D 332 3.70 12.67 -6.19
CA SER D 332 4.93 12.57 -5.44
C SER D 332 5.58 13.93 -5.36
N TYR D 333 6.37 14.16 -4.33
CA TYR D 333 7.13 15.39 -4.23
C TYR D 333 8.45 15.16 -3.50
N ARG D 334 9.42 16.00 -3.78
CA ARG D 334 10.73 15.94 -3.13
C ARG D 334 11.27 17.36 -2.93
N LEU D 335 11.98 17.60 -1.84
CA LEU D 335 12.47 18.96 -1.56
C LEU D 335 13.24 19.52 -2.74
N THR D 336 13.03 20.81 -3.01
CA THR D 336 13.79 21.49 -4.07
C THR D 336 15.07 22.03 -3.43
N PRO D 337 16.09 22.38 -4.25
CA PRO D 337 17.28 23.00 -3.67
C PRO D 337 16.89 24.19 -2.83
N PHE D 338 17.77 24.67 -1.97
CA PHE D 338 17.48 25.92 -1.25
C PHE D 338 17.80 27.15 -2.08
N TYR D 339 17.05 28.21 -1.81
CA TYR D 339 17.15 29.44 -2.57
C TYR D 339 16.83 30.64 -1.67
N ASP D 340 16.95 31.84 -2.22
CA ASP D 340 16.63 33.07 -1.53
C ASP D 340 17.36 33.11 -0.20
N ILE D 341 18.68 32.96 -0.26
CA ILE D 341 19.49 33.02 0.94
C ILE D 341 20.27 34.32 1.08
N ILE D 342 20.06 34.98 2.20
CA ILE D 342 20.74 36.22 2.51
C ILE D 342 21.23 36.19 3.97
N SER D 343 22.31 36.91 4.25
CA SER D 343 22.83 37.02 5.62
C SER D 343 22.58 38.39 6.26
N ALA D 344 21.98 38.36 7.45
CA ALA D 344 21.55 39.56 8.17
C ALA D 344 22.68 40.17 8.96
N PHE D 345 23.90 39.82 8.58
CA PHE D 345 25.08 40.25 9.31
C PHE D 345 25.61 41.62 8.89
N PRO D 346 25.77 41.85 7.58
CA PRO D 346 26.27 43.12 7.07
C PRO D 346 25.34 44.26 7.45
N VAL D 347 24.48 44.05 8.42
CA VAL D 347 23.58 45.11 8.84
C VAL D 347 23.60 45.25 10.36
N LEU D 348 24.80 45.21 10.93
CA LEU D 348 24.90 45.37 12.36
C LEU D 348 25.68 46.61 12.75
N GLY D 349 25.51 47.05 13.99
CA GLY D 349 26.41 48.02 14.60
C GLY D 349 26.24 49.49 14.24
N GLY D 350 26.76 49.89 13.07
CA GLY D 350 26.73 51.28 12.63
C GLY D 350 25.31 51.79 12.55
N THR D 351 24.40 50.89 12.21
CA THR D 351 22.96 51.15 12.25
C THR D 351 22.48 50.81 13.66
N GLY D 352 21.19 50.58 13.84
CA GLY D 352 20.68 50.18 15.15
C GLY D 352 20.75 48.69 15.42
N ILE D 353 20.69 47.91 14.35
CA ILE D 353 20.64 46.45 14.44
C ILE D 353 21.85 45.80 15.16
N HIS D 354 21.55 44.80 15.96
CA HIS D 354 22.57 44.09 16.70
C HIS D 354 22.36 42.58 16.60
N ILE D 355 23.45 41.84 16.81
CA ILE D 355 23.42 40.39 16.73
C ILE D 355 22.34 39.80 17.64
N SER D 356 22.09 40.47 18.76
CA SER D 356 21.11 40.02 19.74
C SER D 356 19.67 40.31 19.28
N ASP D 357 19.53 40.93 18.11
CA ASP D 357 18.22 41.26 17.56
C ASP D 357 17.86 40.36 16.37
N LEU D 358 18.78 39.46 16.02
CA LEU D 358 18.54 38.55 14.90
C LEU D 358 17.81 37.29 15.38
N LYS D 359 16.67 36.99 14.78
CA LYS D 359 15.88 35.82 15.18
C LYS D 359 15.52 34.95 13.98
N LEU D 360 15.72 33.64 14.12
CA LEU D 360 15.33 32.70 13.06
C LEU D 360 13.84 32.72 12.74
N ALA D 361 13.51 32.63 11.46
CA ALA D 361 12.14 32.56 11.01
C ALA D 361 11.41 31.42 11.69
N MET D 362 12.09 30.29 11.77
CA MET D 362 11.50 29.09 12.35
C MET D 362 12.16 28.75 13.68
N GLY D 363 11.37 28.70 14.74
CA GLY D 363 11.90 28.55 16.07
C GLY D 363 12.42 27.17 16.37
N LEU D 364 13.36 27.08 17.30
CA LEU D 364 13.82 25.78 17.74
C LEU D 364 13.25 25.49 19.13
N ASN D 365 13.20 24.22 19.50
CA ASN D 365 12.79 23.81 20.85
C ASN D 365 13.83 24.20 21.92
N ALA D 366 13.37 24.97 22.92
CA ALA D 366 14.21 25.43 24.02
C ALA D 366 13.76 24.88 25.38
N SER D 367 14.59 25.08 26.40
CA SER D 367 14.21 24.85 27.80
C SER D 367 12.90 25.57 28.14
N LYS D 368 12.90 26.89 27.97
CA LYS D 368 11.73 27.71 28.26
C LYS D 368 10.97 28.01 26.97
N GLY D 369 10.14 27.06 26.55
CA GLY D 369 9.36 27.19 25.34
C GLY D 369 10.22 26.95 24.11
N LYS D 370 10.36 27.99 23.30
CA LYS D 370 11.12 27.93 22.06
C LYS D 370 11.98 29.17 21.90
N LYS D 371 13.29 28.96 21.79
CA LYS D 371 14.22 30.07 21.58
C LYS D 371 14.39 30.29 20.07
N THR D 372 14.73 31.52 19.70
CA THR D 372 14.81 31.88 18.30
C THR D 372 15.83 32.98 18.03
N ALA D 373 16.43 33.51 19.09
CA ALA D 373 17.45 34.54 18.95
C ALA D 373 18.83 33.94 18.59
N ILE D 374 19.31 34.20 17.37
CA ILE D 374 20.56 33.61 16.87
C ILE D 374 21.66 33.62 17.90
N ASP D 375 21.93 34.78 18.48
CA ASP D 375 23.04 34.88 19.41
C ASP D 375 22.73 34.25 20.76
N LYS D 376 21.50 33.77 20.92
CA LYS D 376 21.17 33.02 22.12
C LYS D 376 21.13 31.51 21.84
N ILE D 377 21.15 31.14 20.56
CA ILE D 377 21.07 29.74 20.12
C ILE D 377 22.38 28.94 20.29
N TYR D 378 22.25 27.68 20.72
CA TYR D 378 23.40 26.78 20.95
C TYR D 378 23.07 25.35 20.46
N PRO D 379 24.12 24.53 20.20
CA PRO D 379 23.90 23.18 19.69
C PRO D 379 22.83 22.45 20.49
N ARG D 380 22.85 22.63 21.80
CA ARG D 380 21.86 21.97 22.65
C ARG D 380 20.43 22.23 22.20
N HIS D 381 20.19 23.36 21.52
CA HIS D 381 18.84 23.68 21.04
C HIS D 381 18.44 22.88 19.81
N PHE D 382 19.40 22.66 18.91
CA PHE D 382 19.18 21.81 17.75
C PHE D 382 18.92 20.35 18.16
N LEU D 383 19.61 19.88 19.20
CA LEU D 383 19.46 18.51 19.71
C LEU D 383 18.20 18.35 20.55
N ALA D 384 17.77 19.44 21.16
CA ALA D 384 16.48 19.52 21.83
C ALA D 384 15.38 19.34 20.79
N THR D 385 15.46 20.14 19.72
CA THR D 385 14.52 20.01 18.63
C THR D 385 14.52 18.60 18.10
N ALA D 386 15.69 18.13 17.67
CA ALA D 386 15.75 16.82 17.06
C ALA D 386 15.10 15.82 17.99
N LYS D 387 15.13 16.12 19.30
CA LYS D 387 14.55 15.23 20.30
C LYS D 387 13.03 15.07 20.18
N VAL D 388 12.30 16.17 20.08
CA VAL D 388 10.86 16.07 19.95
C VAL D 388 10.47 15.53 18.58
N LEU D 389 10.98 16.16 17.51
CA LEU D 389 10.68 15.74 16.15
C LEU D 389 11.02 14.30 15.91
N ARG D 390 11.71 13.69 16.85
CA ARG D 390 12.20 12.34 16.65
C ARG D 390 13.04 12.26 15.36
N PHE D 391 13.89 13.26 15.15
CA PHE D 391 14.94 13.23 14.13
C PHE D 391 16.14 12.48 14.69
N PRO D 392 16.65 11.46 13.97
CA PRO D 392 17.78 10.68 14.47
C PRO D 392 18.82 11.52 15.22
N GLU D 393 18.83 11.43 16.55
CA GLU D 393 19.79 12.19 17.34
C GLU D 393 21.19 12.12 16.72
N VAL D 394 21.65 10.91 16.38
CA VAL D 394 22.99 10.70 15.81
C VAL D 394 23.27 11.55 14.56
N GLN D 395 22.24 11.73 13.74
CA GLN D 395 22.36 12.52 12.52
C GLN D 395 22.43 14.01 12.82
N MET D 396 21.74 14.43 13.88
CA MET D 396 21.86 15.79 14.38
C MET D 396 23.29 16.02 14.84
N HIS D 397 23.85 15.02 15.50
CA HIS D 397 25.24 15.03 15.96
C HIS D 397 26.20 15.13 14.77
N GLU D 398 25.89 14.43 13.68
CA GLU D 398 26.74 14.41 12.50
C GLU D 398 26.73 15.74 11.74
N ILE D 399 25.56 16.37 11.68
CA ILE D 399 25.41 17.67 11.04
C ILE D 399 26.29 18.71 11.71
N LEU D 400 26.04 18.96 13.00
CA LEU D 400 26.87 19.89 13.78
C LEU D 400 28.34 19.52 13.66
N SER D 401 28.65 18.24 13.76
CA SER D 401 30.02 17.80 13.58
C SER D 401 30.52 18.33 12.25
N ASP D 402 29.84 17.95 11.17
CA ASP D 402 30.33 18.25 9.84
C ASP D 402 30.59 19.73 9.64
N PHE D 403 29.69 20.54 10.17
CA PHE D 403 29.91 21.97 10.15
C PHE D 403 31.14 22.34 10.98
N ALA D 404 31.26 21.77 12.17
CA ALA D 404 32.37 22.10 13.05
C ALA D 404 33.72 22.14 12.31
N ARG D 405 33.98 21.11 11.50
CA ARG D 405 35.31 20.94 10.87
C ARG D 405 35.34 21.29 9.39
N MET D 406 34.30 21.98 8.91
CA MET D 406 34.24 22.36 7.51
C MET D 406 34.28 23.87 7.36
N ILE D 407 33.61 24.58 8.27
CA ILE D 407 33.41 26.02 8.08
C ILE D 407 34.69 26.72 7.64
N PRO D 408 35.76 26.60 8.44
CA PRO D 408 36.99 27.31 8.12
C PRO D 408 37.45 27.11 6.68
N ALA D 409 37.49 25.86 6.22
CA ALA D 409 37.99 25.55 4.89
C ALA D 409 37.08 26.12 3.83
N ALA D 410 35.79 26.08 4.12
CA ALA D 410 34.78 26.62 3.22
C ALA D 410 34.97 28.12 2.97
N LEU D 411 35.06 28.90 4.05
CA LEU D 411 35.20 30.36 3.99
C LEU D 411 36.32 30.78 3.08
N ASP D 412 37.45 30.09 3.21
CA ASP D 412 38.57 30.27 2.31
C ASP D 412 38.17 30.07 0.85
N ASN D 413 37.83 28.82 0.50
CA ASN D 413 37.53 28.49 -0.88
C ASN D 413 36.56 29.47 -1.50
N VAL D 414 35.59 29.90 -0.70
CA VAL D 414 34.62 30.91 -1.14
C VAL D 414 35.26 32.27 -1.25
N LYS D 415 35.93 32.73 -0.19
CA LYS D 415 36.61 34.02 -0.22
C LYS D 415 37.55 34.14 -1.41
N THR D 416 38.26 33.04 -1.70
CA THR D 416 39.22 33.00 -2.81
C THR D 416 38.53 32.88 -4.16
N SER D 417 37.19 32.92 -4.13
CA SER D 417 36.41 32.95 -5.36
C SER D 417 35.79 34.34 -5.60
N LEU D 418 35.57 35.09 -4.53
CA LEU D 418 34.98 36.43 -4.67
C LEU D 418 35.74 37.24 -5.72
N PRO D 419 35.03 37.66 -6.77
CA PRO D 419 35.61 38.49 -7.83
C PRO D 419 36.33 39.69 -7.23
N THR D 420 37.34 40.16 -7.95
CA THR D 420 38.19 41.23 -7.48
C THR D 420 37.41 42.45 -6.97
N ASP D 421 36.20 42.63 -7.45
CA ASP D 421 35.43 43.81 -7.07
C ASP D 421 34.38 43.55 -5.99
N PHE D 422 34.67 42.61 -5.10
CA PHE D 422 33.68 42.25 -4.09
C PHE D 422 33.90 43.04 -2.81
N PRO D 423 32.80 43.62 -2.32
CA PRO D 423 32.79 44.48 -1.14
C PRO D 423 33.29 43.72 0.07
N GLU D 424 34.53 44.00 0.43
CA GLU D 424 35.16 43.30 1.54
C GLU D 424 34.51 43.50 2.91
N ASN D 425 33.46 44.31 3.00
CA ASN D 425 32.72 44.42 4.26
C ASN D 425 31.68 43.32 4.35
N VAL D 426 31.10 42.99 3.20
CA VAL D 426 30.17 41.88 3.15
C VAL D 426 30.94 40.63 3.59
N VAL D 427 32.00 40.29 2.85
CA VAL D 427 32.85 39.16 3.23
C VAL D 427 33.15 39.21 4.72
N THR D 428 33.90 40.23 5.11
CA THR D 428 34.30 40.47 6.49
C THR D 428 33.19 40.24 7.49
N ALA D 429 32.08 40.95 7.30
CA ALA D 429 31.00 40.86 8.27
C ALA D 429 30.54 39.42 8.43
N VAL D 430 30.22 38.77 7.30
CA VAL D 430 29.67 37.42 7.35
C VAL D 430 30.72 36.51 7.93
N GLU D 431 31.83 36.39 7.21
CA GLU D 431 32.96 35.57 7.63
C GLU D 431 33.35 35.77 9.11
N SER D 432 33.16 36.97 9.65
CA SER D 432 33.48 37.22 11.07
C SER D 432 32.55 36.46 11.99
N ASN D 433 31.27 36.76 11.86
CA ASN D 433 30.23 36.22 12.74
C ASN D 433 30.06 34.72 12.62
N VAL D 434 30.34 34.19 11.44
CA VAL D 434 30.24 32.76 11.16
C VAL D 434 31.18 31.98 12.06
N LEU D 435 32.42 32.45 12.12
CA LEU D 435 33.41 31.90 13.04
C LEU D 435 32.95 32.07 14.51
N ARG D 436 32.53 33.28 14.88
CA ARG D 436 32.00 33.57 16.22
C ARG D 436 30.99 32.52 16.67
N LEU D 437 30.05 32.21 15.78
CA LEU D 437 29.03 31.21 16.03
C LEU D 437 29.69 29.85 15.87
N HIS D 438 30.55 29.71 14.88
CA HIS D 438 31.23 28.44 14.61
C HIS D 438 32.01 27.93 15.82
N GLY D 439 32.55 28.86 16.60
CA GLY D 439 33.23 28.52 17.83
C GLY D 439 32.33 27.69 18.73
N ARG D 440 31.12 28.18 18.96
CA ARG D 440 30.14 27.45 19.76
C ARG D 440 30.08 25.98 19.39
N LEU D 441 30.39 25.67 18.13
CA LEU D 441 30.36 24.31 17.61
C LEU D 441 31.66 23.54 17.90
N SER D 442 32.79 24.09 17.45
CA SER D 442 34.11 23.43 17.53
C SER D 442 34.58 23.07 18.96
N ARG D 443 34.11 23.86 19.93
CA ARG D 443 34.34 23.68 21.36
C ARG D 443 33.62 22.43 21.89
N GLU D 444 32.62 21.99 21.12
CA GLU D 444 31.90 20.75 21.45
C GLU D 444 32.27 19.63 20.46
N TYR D 445 32.30 19.96 19.17
CA TYR D 445 32.57 18.97 18.13
C TYR D 445 33.93 19.14 17.47
N PHE E 7 2.55 1.76 -11.78
CA PHE E 7 1.72 2.93 -11.47
C PHE E 7 2.48 4.07 -10.75
N GLN E 8 1.75 4.93 -10.04
CA GLN E 8 2.38 6.04 -9.31
C GLN E 8 2.70 5.72 -7.85
N LYS E 9 3.94 5.96 -7.45
CA LYS E 9 4.44 5.68 -6.09
C LYS E 9 3.84 6.60 -5.03
N ILE E 10 3.24 6.02 -4.00
CA ILE E 10 2.67 6.82 -2.91
C ILE E 10 3.60 6.80 -1.70
N TYR E 11 3.74 7.92 -1.02
CA TYR E 11 4.66 7.96 0.12
C TYR E 11 4.05 8.50 1.42
N SER E 12 2.75 8.78 1.43
CA SER E 12 2.12 9.32 2.64
C SER E 12 0.64 8.97 2.72
N PRO E 13 0.08 9.00 3.94
CA PRO E 13 -1.35 8.72 4.10
C PRO E 13 -2.20 9.66 3.24
N THR E 14 -1.75 10.89 3.05
CA THR E 14 -2.57 11.90 2.36
C THR E 14 -2.60 11.76 0.84
N GLN E 15 -1.46 11.44 0.24
CA GLN E 15 -1.43 11.22 -1.19
C GLN E 15 -2.03 9.86 -1.51
N LEU E 16 -2.09 9.02 -0.48
CA LEU E 16 -2.86 7.78 -0.51
C LEU E 16 -4.37 8.06 -0.57
N ALA E 17 -4.92 8.64 0.50
CA ALA E 17 -6.35 8.91 0.56
C ALA E 17 -6.79 9.64 -0.68
N ASN E 18 -5.99 10.60 -1.10
CA ASN E 18 -6.28 11.35 -2.30
C ASN E 18 -6.46 10.41 -3.48
N ALA E 19 -5.48 9.53 -3.69
CA ALA E 19 -5.54 8.68 -4.87
C ALA E 19 -6.81 7.83 -4.83
N MET E 20 -7.13 7.28 -3.66
CA MET E 20 -8.28 6.36 -3.53
C MET E 20 -9.61 7.07 -3.68
N LYS E 21 -9.70 8.25 -3.09
CA LYS E 21 -10.89 9.07 -3.20
C LYS E 21 -11.13 9.37 -4.67
N LEU E 22 -10.03 9.51 -5.42
CA LEU E 22 -10.13 9.74 -6.85
C LEU E 22 -10.78 8.55 -7.49
N VAL E 23 -10.23 7.38 -7.18
CA VAL E 23 -10.75 6.13 -7.73
C VAL E 23 -12.24 5.92 -7.42
N ARG E 24 -12.71 6.41 -6.28
CA ARG E 24 -14.12 6.28 -5.92
C ARG E 24 -15.00 7.16 -6.76
N GLN E 25 -14.56 8.40 -6.94
CA GLN E 25 -15.31 9.35 -7.74
C GLN E 25 -15.34 8.91 -9.20
N GLN E 26 -14.19 8.52 -9.72
CA GLN E 26 -14.12 8.07 -11.11
C GLN E 26 -14.80 6.72 -11.37
N ASN E 27 -15.62 6.29 -10.42
CA ASN E 27 -16.32 5.01 -10.49
C ASN E 27 -17.79 5.21 -10.08
N GLY E 28 -18.10 6.40 -9.59
CA GLY E 28 -19.46 6.77 -9.23
C GLY E 28 -19.92 6.20 -7.91
N TRP E 29 -18.99 5.79 -7.07
CA TRP E 29 -19.39 5.22 -5.80
C TRP E 29 -19.48 6.31 -4.74
N THR E 30 -20.33 6.08 -3.76
CA THR E 30 -20.50 7.01 -2.68
C THR E 30 -19.84 6.42 -1.47
N GLN E 31 -19.73 7.21 -0.42
CA GLN E 31 -19.11 6.74 0.79
C GLN E 31 -19.99 5.73 1.47
N SER E 32 -21.27 5.80 1.18
CA SER E 32 -22.25 4.92 1.82
C SER E 32 -22.25 3.47 1.29
N GLU E 33 -22.33 3.29 -0.03
CA GLU E 33 -22.36 1.95 -0.63
C GLU E 33 -21.10 1.11 -0.38
N LEU E 34 -19.94 1.77 -0.42
CA LEU E 34 -18.68 1.12 -0.09
C LEU E 34 -18.65 0.71 1.38
N ALA E 35 -19.10 1.62 2.25
CA ALA E 35 -19.17 1.33 3.69
C ALA E 35 -20.07 0.13 4.01
N LYS E 36 -21.19 0.00 3.29
CA LYS E 36 -22.06 -1.16 3.48
C LYS E 36 -21.38 -2.47 3.04
N LYS E 37 -20.92 -2.54 1.79
CA LYS E 37 -20.30 -3.76 1.29
C LYS E 37 -19.33 -4.38 2.28
N ILE E 38 -18.40 -3.57 2.76
CA ILE E 38 -17.35 -4.06 3.67
C ILE E 38 -17.89 -4.33 5.08
N GLY E 39 -18.13 -3.28 5.85
CA GLY E 39 -18.68 -3.46 7.19
C GLY E 39 -18.35 -2.33 8.13
N ILE E 40 -18.02 -1.18 7.56
CA ILE E 40 -17.72 -0.01 8.37
C ILE E 40 -18.71 1.10 8.11
N LYS E 41 -18.68 2.10 8.96
CA LYS E 41 -19.66 3.15 8.86
C LYS E 41 -19.25 4.19 7.86
N GLN E 42 -20.22 4.90 7.32
CA GLN E 42 -19.92 5.89 6.32
C GLN E 42 -18.95 6.94 6.88
N ALA E 43 -19.06 7.22 8.19
CA ALA E 43 -18.19 8.19 8.86
C ALA E 43 -16.70 7.89 8.69
N THR E 44 -16.36 6.61 8.77
CA THR E 44 -14.98 6.18 8.71
C THR E 44 -14.37 6.46 7.35
N ILE E 45 -15.10 6.12 6.30
CA ILE E 45 -14.61 6.39 4.96
C ILE E 45 -14.26 7.85 4.81
N SER E 46 -15.12 8.70 5.36
CA SER E 46 -14.96 10.14 5.27
C SER E 46 -13.76 10.60 6.07
N ASN E 47 -13.59 10.03 7.26
CA ASN E 47 -12.38 10.31 8.02
C ASN E 47 -11.15 9.92 7.24
N PHE E 48 -11.15 8.69 6.71
CA PHE E 48 -10.01 8.22 5.90
C PHE E 48 -9.69 9.20 4.77
N GLU E 49 -10.71 9.71 4.09
CA GLU E 49 -10.48 10.55 2.92
C GLU E 49 -9.88 11.93 3.26
N ASN E 50 -10.20 12.46 4.45
CA ASN E 50 -9.75 13.80 4.85
C ASN E 50 -8.69 13.83 5.97
N ASN E 51 -8.63 12.77 6.78
CA ASN E 51 -7.64 12.63 7.85
C ASN E 51 -7.06 11.20 7.96
N PRO E 52 -6.37 10.73 6.90
CA PRO E 52 -5.81 9.37 6.76
C PRO E 52 -4.62 9.07 7.69
N ASP E 53 -3.95 10.12 8.17
CA ASP E 53 -2.86 9.95 9.13
C ASP E 53 -3.25 8.94 10.23
N ASN E 54 -4.11 9.32 11.17
CA ASN E 54 -4.58 8.36 12.19
C ASN E 54 -5.70 7.47 11.70
N THR E 55 -5.42 6.62 10.73
CA THR E 55 -6.38 5.65 10.22
C THR E 55 -5.80 4.24 10.31
N THR E 56 -6.57 3.28 10.85
CA THR E 56 -6.11 1.88 11.01
C THR E 56 -5.77 1.18 9.68
N LEU E 57 -4.99 0.09 9.75
CA LEU E 57 -4.63 -0.69 8.55
C LEU E 57 -5.77 -1.58 8.04
N THR E 58 -6.52 -2.20 8.95
CA THR E 58 -7.69 -2.98 8.56
C THR E 58 -8.70 -2.09 7.89
N THR E 59 -9.04 -1.00 8.55
CA THR E 59 -9.86 0.00 7.90
C THR E 59 -9.34 0.12 6.46
N PHE E 60 -8.11 0.61 6.29
CA PHE E 60 -7.55 0.91 4.96
C PHE E 60 -7.65 -0.20 3.94
N PHE E 61 -7.49 -1.42 4.39
CA PHE E 61 -7.59 -2.53 3.47
C PHE E 61 -9.07 -2.78 3.18
N LYS E 62 -9.89 -2.72 4.21
CA LYS E 62 -11.32 -2.87 4.02
C LYS E 62 -11.70 -2.03 2.83
N ILE E 63 -11.44 -0.73 2.93
CA ILE E 63 -11.77 0.23 1.89
C ILE E 63 -11.04 -0.07 0.58
N LEU E 64 -9.86 -0.68 0.71
CA LEU E 64 -9.06 -1.06 -0.45
C LEU E 64 -9.85 -2.11 -1.23
N GLN E 65 -10.42 -3.03 -0.48
CA GLN E 65 -11.17 -4.11 -1.06
C GLN E 65 -12.44 -3.56 -1.71
N SER E 66 -13.07 -2.59 -1.06
CA SER E 66 -14.37 -2.11 -1.53
C SER E 66 -14.21 -1.35 -2.83
N LEU E 67 -12.97 -0.95 -3.13
CA LEU E 67 -12.68 -0.22 -4.34
C LEU E 67 -12.21 -1.16 -5.44
N GLU E 68 -12.30 -2.45 -5.18
CA GLU E 68 -11.85 -3.42 -6.15
C GLU E 68 -10.44 -3.05 -6.50
N LEU E 69 -9.66 -2.80 -5.46
CA LEU E 69 -8.27 -2.43 -5.60
C LEU E 69 -7.37 -3.36 -4.82
N SER E 70 -6.07 -3.15 -4.98
CA SER E 70 -5.05 -3.83 -4.20
C SER E 70 -3.79 -2.97 -4.18
N MET E 71 -2.87 -3.32 -3.29
CA MET E 71 -1.61 -2.60 -3.16
C MET E 71 -0.41 -3.51 -3.37
N THR E 72 0.74 -2.91 -3.68
CA THR E 72 1.99 -3.65 -3.77
C THR E 72 3.18 -2.79 -3.36
N LEU E 73 4.17 -3.42 -2.73
CA LEU E 73 5.36 -2.69 -2.39
C LEU E 73 6.25 -2.60 -3.62
N CYS E 74 7.24 -1.70 -3.55
CA CYS E 74 8.29 -1.58 -4.55
C CYS E 74 9.35 -0.67 -3.99
N ASP E 75 10.50 -0.62 -4.67
CA ASP E 75 11.58 0.31 -4.31
C ASP E 75 11.24 1.75 -4.68
N THR E 76 11.73 2.68 -3.88
CA THR E 76 11.56 4.11 -4.17
C THR E 76 12.60 4.61 -5.16
N LYS E 77 13.40 3.66 -5.68
CA LYS E 77 14.51 3.94 -6.60
C LYS E 77 15.67 4.62 -5.88
#